data_2P3V
#
_entry.id   2P3V
#
_cell.length_a   83.814
_cell.length_b   97.939
_cell.length_c   122.156
_cell.angle_alpha   90.00
_cell.angle_beta   90.00
_cell.angle_gamma   90.00
#
_symmetry.space_group_name_H-M   'P 21 21 21'
#
loop_
_entity.id
_entity.type
_entity.pdbx_description
1 polymer Inositol-1-monophosphatase
2 non-polymer 'S,R MESO-TARTARIC ACID'
3 water water
#
_entity_poly.entity_id   1
_entity_poly.type   'polypeptide(L)'
_entity_poly.pdbx_seq_one_letter_code
;MDRLDFSIKLLRKVGHLLMIHWGRVDNVEKKTGFKDIVTEIDREAQRMIVDEIRKFFPDENIMAEEGIFEKGDRLWIIDP
IDGTINFVHGLPNFSISLAYVENGEVKLGVVHAPALNETLYAEEGSGAFFNGERIRVSENASLEECVGSTGSYVDFTGKF
IERMEKRTRRIRILGSAALNAAYVGAGRVDFFVTWRINPWDIAAGLIIVKEAGGMVTDFSGKEANAFSKNFIFSNGLIHD
EVVKVVNEVVEEIGGK
;
_entity_poly.pdbx_strand_id   A,B,C,D
#
loop_
_chem_comp.id
_chem_comp.type
_chem_comp.name
_chem_comp.formula
SRT non-polymer 'S,R MESO-TARTARIC ACID' 'C4 H6 O6'
#
# COMPACT_ATOMS: atom_id res chain seq x y z
N MET A 1 11.08 -18.80 11.30
CA MET A 1 10.80 -20.27 11.27
C MET A 1 9.30 -20.57 11.44
N ASP A 2 9.02 -21.77 11.95
CA ASP A 2 7.67 -22.26 12.19
C ASP A 2 6.86 -21.25 12.98
N ARG A 3 7.18 -21.09 14.26
CA ARG A 3 6.44 -20.15 15.12
C ARG A 3 6.44 -18.71 14.60
N LEU A 4 7.57 -18.27 14.05
CA LEU A 4 7.67 -16.91 13.55
C LEU A 4 6.80 -16.69 12.33
N ASP A 5 6.94 -17.56 11.32
CA ASP A 5 6.14 -17.43 10.10
C ASP A 5 4.65 -17.45 10.45
N PHE A 6 4.29 -18.32 11.39
CA PHE A 6 2.92 -18.46 11.87
C PHE A 6 2.42 -17.12 12.42
N SER A 7 3.27 -16.45 13.19
CA SER A 7 2.92 -15.17 13.79
C SER A 7 2.77 -14.05 12.78
N ILE A 8 3.72 -13.96 11.85
CA ILE A 8 3.65 -12.93 10.83
C ILE A 8 2.35 -13.10 10.05
N LYS A 9 2.13 -14.29 9.51
CA LYS A 9 0.92 -14.54 8.76
C LYS A 9 -0.32 -14.29 9.62
N LEU A 10 -0.32 -14.79 10.85
CA LEU A 10 -1.47 -14.56 11.72
C LEU A 10 -1.80 -13.08 11.98
N LEU A 11 -0.80 -12.27 12.34
CA LEU A 11 -1.07 -10.88 12.61
C LEU A 11 -1.47 -10.09 11.36
N ARG A 12 -0.97 -10.51 10.20
CA ARG A 12 -1.33 -9.83 8.95
C ARG A 12 -2.78 -10.13 8.60
N LYS A 13 -3.20 -11.38 8.86
CA LYS A 13 -4.56 -11.80 8.59
C LYS A 13 -5.48 -10.96 9.49
N VAL A 14 -5.29 -11.08 10.80
CA VAL A 14 -6.11 -10.33 11.75
C VAL A 14 -6.03 -8.83 11.50
N GLY A 15 -4.91 -8.38 10.96
CA GLY A 15 -4.74 -6.96 10.69
C GLY A 15 -5.83 -6.42 9.79
N HIS A 16 -6.31 -7.23 8.85
CA HIS A 16 -7.37 -6.80 7.95
C HIS A 16 -8.70 -6.63 8.66
N LEU A 17 -8.92 -7.38 9.74
CA LEU A 17 -10.15 -7.27 10.51
C LEU A 17 -10.24 -5.87 11.11
N LEU A 18 -9.12 -5.40 11.63
CA LEU A 18 -9.05 -4.08 12.24
C LEU A 18 -9.24 -2.98 11.21
N MET A 19 -8.81 -3.25 9.98
CA MET A 19 -8.93 -2.27 8.91
C MET A 19 -10.38 -1.96 8.56
N ILE A 20 -11.27 -2.93 8.79
CA ILE A 20 -12.70 -2.76 8.52
C ILE A 20 -13.33 -1.73 9.45
N HIS A 21 -12.89 -1.72 10.70
CA HIS A 21 -13.47 -0.81 11.68
C HIS A 21 -12.60 0.39 11.99
N TRP A 22 -11.42 0.46 11.36
CA TRP A 22 -10.48 1.55 11.57
C TRP A 22 -11.12 2.94 11.45
N GLY A 23 -11.23 3.62 12.59
CA GLY A 23 -11.83 4.94 12.62
C GLY A 23 -13.34 4.93 12.72
N ARG A 24 -13.96 3.80 12.39
CA ARG A 24 -15.41 3.70 12.42
C ARG A 24 -15.87 2.79 13.56
N VAL A 25 -15.46 3.12 14.78
CA VAL A 25 -15.84 2.34 15.95
C VAL A 25 -16.98 3.01 16.70
N ASP A 26 -18.01 2.24 17.04
CA ASP A 26 -19.17 2.78 17.75
C ASP A 26 -19.09 2.59 19.27
N ASN A 27 -18.72 1.39 19.71
CA ASN A 27 -18.63 1.12 21.14
C ASN A 27 -17.22 1.38 21.68
N VAL A 28 -17.08 2.43 22.50
CA VAL A 28 -15.80 2.79 23.08
C VAL A 28 -15.94 3.10 24.57
N GLU A 29 -15.41 2.22 25.41
CA GLU A 29 -15.49 2.40 26.87
C GLU A 29 -14.09 2.47 27.48
N LYS A 30 -13.94 3.23 28.56
CA LYS A 30 -12.64 3.38 29.24
C LYS A 30 -12.25 2.17 30.11
N LYS A 31 -11.40 1.31 29.55
CA LYS A 31 -10.93 0.10 30.22
C LYS A 31 -10.19 0.40 31.52
N THR A 32 -9.74 -0.66 32.18
CA THR A 32 -9.01 -0.60 33.45
C THR A 32 -8.19 0.68 33.62
N GLY A 33 -8.84 1.72 34.13
CA GLY A 33 -8.17 3.00 34.32
C GLY A 33 -9.08 4.19 34.13
N PHE A 34 -8.68 5.11 33.26
CA PHE A 34 -9.45 6.32 32.99
C PHE A 34 -8.83 7.13 31.84
N LYS A 35 -7.56 6.86 31.58
CA LYS A 35 -6.78 7.55 30.55
C LYS A 35 -6.96 6.93 29.17
N ASP A 36 -6.91 5.60 29.10
CA ASP A 36 -7.06 4.90 27.83
C ASP A 36 -8.49 4.36 27.64
N ILE A 37 -8.72 3.74 26.48
CA ILE A 37 -10.02 3.17 26.14
C ILE A 37 -9.89 1.77 25.56
N VAL A 38 -11.04 1.17 25.25
CA VAL A 38 -11.06 -0.18 24.68
C VAL A 38 -12.36 -0.32 23.89
N THR A 39 -12.35 -1.22 22.92
CA THR A 39 -13.54 -1.40 22.11
C THR A 39 -13.89 -2.88 21.88
N GLU A 40 -14.99 -3.09 21.17
CA GLU A 40 -15.48 -4.41 20.85
C GLU A 40 -14.58 -5.04 19.79
N ILE A 41 -13.90 -4.20 19.01
CA ILE A 41 -13.00 -4.68 17.98
C ILE A 41 -11.75 -5.26 18.64
N ASP A 42 -11.35 -4.66 19.76
CA ASP A 42 -10.20 -5.12 20.53
C ASP A 42 -10.35 -6.60 20.85
N ARG A 43 -11.43 -6.91 21.56
CA ARG A 43 -11.72 -8.28 21.97
C ARG A 43 -11.96 -9.22 20.81
N GLU A 44 -12.55 -8.71 19.73
CA GLU A 44 -12.82 -9.55 18.58
C GLU A 44 -11.51 -9.90 17.87
N ALA A 45 -10.55 -8.98 17.90
CA ALA A 45 -9.25 -9.22 17.29
C ALA A 45 -8.53 -10.25 18.14
N GLN A 46 -8.61 -10.08 19.46
CA GLN A 46 -7.98 -11.01 20.39
C GLN A 46 -8.54 -12.42 20.26
N ARG A 47 -9.87 -12.53 20.16
CA ARG A 47 -10.51 -13.83 20.03
C ARG A 47 -10.03 -14.58 18.80
N MET A 48 -9.83 -13.85 17.71
CA MET A 48 -9.37 -14.43 16.46
C MET A 48 -7.93 -14.91 16.58
N ILE A 49 -7.09 -14.14 17.26
CA ILE A 49 -5.69 -14.52 17.46
C ILE A 49 -5.60 -15.71 18.41
N VAL A 50 -6.35 -15.63 19.50
CA VAL A 50 -6.35 -16.69 20.50
C VAL A 50 -6.84 -18.05 19.96
N ASP A 51 -7.92 -18.04 19.16
CA ASP A 51 -8.42 -19.31 18.61
C ASP A 51 -7.41 -20.02 17.72
N GLU A 52 -6.61 -19.25 16.98
CA GLU A 52 -5.61 -19.83 16.08
C GLU A 52 -4.41 -20.40 16.83
N ILE A 53 -3.98 -19.75 17.90
CA ILE A 53 -2.85 -20.27 18.67
C ILE A 53 -3.26 -21.59 19.31
N ARG A 54 -4.39 -21.58 20.00
CA ARG A 54 -4.89 -22.78 20.67
C ARG A 54 -5.07 -23.92 19.68
N LYS A 55 -5.28 -23.58 18.42
CA LYS A 55 -5.48 -24.57 17.37
C LYS A 55 -4.21 -25.32 16.99
N PHE A 56 -3.11 -24.59 16.79
CA PHE A 56 -1.84 -25.22 16.41
C PHE A 56 -0.91 -25.48 17.60
N PHE A 57 -1.21 -24.86 18.74
CA PHE A 57 -0.38 -25.02 19.93
C PHE A 57 -1.32 -25.23 21.11
N PRO A 58 -2.07 -26.34 21.10
CA PRO A 58 -3.03 -26.68 22.15
C PRO A 58 -2.51 -26.70 23.58
N ASP A 59 -1.29 -27.21 23.81
CA ASP A 59 -0.75 -27.27 25.17
C ASP A 59 0.08 -26.07 25.58
N GLU A 60 -0.26 -24.88 25.04
CA GLU A 60 0.50 -23.68 25.36
C GLU A 60 -0.37 -22.57 25.91
N ASN A 61 0.24 -21.70 26.71
CA ASN A 61 -0.49 -20.61 27.34
C ASN A 61 -0.53 -19.32 26.55
N ILE A 62 -1.41 -18.43 26.97
CA ILE A 62 -1.61 -17.13 26.32
C ILE A 62 -1.77 -16.08 27.41
N MET A 63 -1.56 -14.82 27.05
CA MET A 63 -1.71 -13.73 28.01
C MET A 63 -2.03 -12.47 27.23
N ALA A 64 -3.27 -12.02 27.33
CA ALA A 64 -3.70 -10.82 26.64
C ALA A 64 -3.74 -9.67 27.65
N GLU A 65 -3.91 -8.44 27.17
CA GLU A 65 -3.97 -7.30 28.10
C GLU A 65 -5.27 -7.40 28.91
N GLU A 66 -6.33 -7.84 28.22
CA GLU A 66 -7.66 -7.96 28.81
C GLU A 66 -8.30 -9.29 28.43
N GLY A 67 -8.63 -10.10 29.42
CA GLY A 67 -9.25 -11.39 29.12
C GLY A 67 -8.53 -12.61 29.63
N ILE A 68 -7.64 -13.15 28.81
CA ILE A 68 -6.87 -14.35 29.16
C ILE A 68 -5.60 -13.99 29.91
N PHE A 69 -5.33 -14.71 31.00
CA PHE A 69 -4.13 -14.45 31.78
C PHE A 69 -3.59 -15.76 32.34
N GLU A 70 -2.72 -16.40 31.58
CA GLU A 70 -2.13 -17.67 32.01
C GLU A 70 -0.62 -17.52 32.01
N LYS A 71 0.06 -18.50 32.62
CA LYS A 71 1.51 -18.53 32.70
C LYS A 71 2.00 -19.95 32.45
N GLY A 72 3.12 -20.07 31.75
CA GLY A 72 3.67 -21.37 31.45
C GLY A 72 5.05 -21.22 30.88
N ASP A 73 5.71 -22.35 30.58
CA ASP A 73 7.04 -22.32 30.02
C ASP A 73 6.94 -22.20 28.51
N ARG A 74 5.71 -22.01 28.04
CA ARG A 74 5.40 -21.83 26.62
C ARG A 74 4.23 -20.86 26.62
N LEU A 75 4.56 -19.57 26.56
CA LEU A 75 3.57 -18.50 26.65
C LEU A 75 3.53 -17.50 25.50
N TRP A 76 2.32 -17.16 25.07
CA TRP A 76 2.13 -16.20 23.99
C TRP A 76 1.57 -14.92 24.60
N ILE A 77 2.19 -13.78 24.28
CA ILE A 77 1.73 -12.49 24.80
C ILE A 77 1.01 -11.74 23.68
N ILE A 78 -0.29 -11.52 23.86
CA ILE A 78 -1.06 -10.84 22.84
C ILE A 78 -1.57 -9.49 23.31
N ASP A 79 -1.56 -8.54 22.39
CA ASP A 79 -2.09 -7.21 22.62
C ASP A 79 -2.80 -6.97 21.28
N PRO A 80 -4.11 -7.27 21.23
CA PRO A 80 -4.94 -7.12 20.02
C PRO A 80 -4.81 -5.78 19.31
N ILE A 81 -4.70 -4.69 20.07
CA ILE A 81 -4.56 -3.35 19.47
C ILE A 81 -3.74 -2.41 20.33
N ASP A 82 -2.54 -2.06 19.88
CA ASP A 82 -1.73 -1.13 20.63
C ASP A 82 -1.90 0.22 19.92
N GLY A 83 -2.51 1.18 20.62
CA GLY A 83 -2.77 2.48 20.02
C GLY A 83 -4.25 2.53 19.72
N THR A 84 -5.03 1.94 20.64
CA THR A 84 -6.48 1.88 20.52
C THR A 84 -7.05 3.26 20.23
N ILE A 85 -6.51 4.26 20.91
CA ILE A 85 -6.98 5.62 20.71
C ILE A 85 -6.75 6.04 19.27
N ASN A 86 -5.54 5.81 18.76
CA ASN A 86 -5.26 6.17 17.38
C ASN A 86 -6.22 5.42 16.47
N PHE A 87 -6.37 4.12 16.72
CA PHE A 87 -7.27 3.28 15.93
C PHE A 87 -8.68 3.88 15.90
N VAL A 88 -9.20 4.18 17.07
CA VAL A 88 -10.53 4.76 17.16
C VAL A 88 -10.62 6.09 16.38
N HIS A 89 -9.59 6.93 16.51
CA HIS A 89 -9.60 8.23 15.83
C HIS A 89 -9.31 8.20 14.34
N GLY A 90 -8.77 7.10 13.86
CA GLY A 90 -8.49 7.00 12.44
C GLY A 90 -7.05 7.31 12.11
N LEU A 91 -6.18 7.31 13.12
CA LEU A 91 -4.76 7.56 12.87
C LEU A 91 -4.13 6.20 12.54
N PRO A 92 -3.25 6.16 11.54
CA PRO A 92 -2.59 4.92 11.12
C PRO A 92 -1.62 4.28 12.11
N ASN A 93 -1.18 5.04 13.09
CA ASN A 93 -0.23 4.52 14.07
C ASN A 93 -0.85 3.66 15.15
N PHE A 94 -1.08 2.41 14.80
CA PHE A 94 -1.63 1.44 15.73
C PHE A 94 -1.11 0.09 15.25
N SER A 95 -0.97 -0.86 16.18
CA SER A 95 -0.46 -2.16 15.78
C SER A 95 -0.96 -3.31 16.64
N ILE A 96 -0.76 -4.51 16.11
CA ILE A 96 -1.10 -5.75 16.78
C ILE A 96 0.23 -6.33 17.24
N SER A 97 0.33 -6.62 18.54
CA SER A 97 1.57 -7.17 19.07
C SER A 97 1.45 -8.63 19.53
N LEU A 98 2.48 -9.41 19.24
CA LEU A 98 2.51 -10.80 19.65
C LEU A 98 3.93 -11.21 19.94
N ALA A 99 4.13 -11.87 21.08
CA ALA A 99 5.45 -12.34 21.48
C ALA A 99 5.34 -13.77 21.97
N TYR A 100 6.39 -14.55 21.75
CA TYR A 100 6.42 -15.92 22.24
C TYR A 100 7.53 -16.01 23.26
N VAL A 101 7.16 -16.36 24.48
CA VAL A 101 8.12 -16.49 25.55
C VAL A 101 8.20 -17.96 25.91
N GLU A 102 9.42 -18.48 26.02
CA GLU A 102 9.62 -19.88 26.36
C GLU A 102 10.65 -19.99 27.47
N ASN A 103 10.32 -20.76 28.50
CA ASN A 103 11.22 -20.94 29.64
C ASN A 103 11.65 -19.62 30.26
N GLY A 104 10.69 -18.70 30.34
CA GLY A 104 10.97 -17.41 30.94
C GLY A 104 11.60 -16.33 30.07
N GLU A 105 12.07 -16.70 28.88
CA GLU A 105 12.69 -15.70 28.00
C GLU A 105 11.93 -15.50 26.70
N VAL A 106 12.05 -14.31 26.13
CA VAL A 106 11.37 -14.01 24.87
C VAL A 106 12.12 -14.71 23.75
N LYS A 107 11.41 -15.51 22.97
CA LYS A 107 12.08 -16.19 21.88
C LYS A 107 11.84 -15.49 20.54
N LEU A 108 10.75 -14.74 20.44
CA LEU A 108 10.46 -14.04 19.19
C LEU A 108 9.35 -13.04 19.41
N GLY A 109 9.35 -12.00 18.60
CA GLY A 109 8.34 -10.99 18.72
C GLY A 109 7.93 -10.44 17.38
N VAL A 110 6.67 -10.04 17.29
CA VAL A 110 6.15 -9.50 16.04
C VAL A 110 5.26 -8.31 16.36
N VAL A 111 5.38 -7.27 15.54
CA VAL A 111 4.58 -6.08 15.67
C VAL A 111 4.10 -5.75 14.27
N HIS A 112 2.78 -5.69 14.08
CA HIS A 112 2.24 -5.42 12.77
C HIS A 112 1.28 -4.22 12.73
N ALA A 113 1.57 -3.27 11.85
CA ALA A 113 0.76 -2.07 11.69
C ALA A 113 -0.06 -2.22 10.41
N PRO A 114 -1.29 -2.74 10.52
CA PRO A 114 -2.21 -2.94 9.41
C PRO A 114 -2.25 -1.79 8.40
N ALA A 115 -2.59 -0.60 8.89
CA ALA A 115 -2.71 0.56 8.03
C ALA A 115 -1.40 1.01 7.39
N LEU A 116 -0.26 0.59 7.95
CA LEU A 116 1.01 1.02 7.35
C LEU A 116 1.71 -0.12 6.65
N ASN A 117 1.10 -1.31 6.66
CA ASN A 117 1.73 -2.46 6.02
C ASN A 117 3.13 -2.64 6.55
N GLU A 118 3.30 -2.46 7.85
CA GLU A 118 4.62 -2.61 8.46
C GLU A 118 4.62 -3.78 9.42
N THR A 119 5.34 -4.84 9.07
CA THR A 119 5.44 -6.00 9.95
C THR A 119 6.89 -6.11 10.38
N LEU A 120 7.16 -5.72 11.61
CA LEU A 120 8.51 -5.76 12.14
C LEU A 120 8.60 -6.93 13.09
N TYR A 121 9.71 -7.65 13.05
CA TYR A 121 9.81 -8.82 13.90
C TYR A 121 11.23 -9.33 14.09
N ALA A 122 11.36 -10.29 14.98
CA ALA A 122 12.66 -10.89 15.24
C ALA A 122 12.54 -12.12 16.13
N GLU A 123 13.44 -13.08 15.92
CA GLU A 123 13.51 -14.26 16.78
C GLU A 123 14.96 -14.31 17.22
N GLU A 124 15.17 -14.41 18.53
CA GLU A 124 16.49 -14.38 19.13
C GLU A 124 17.51 -15.22 18.40
N GLY A 125 18.59 -14.56 17.98
CA GLY A 125 19.67 -15.22 17.26
C GLY A 125 19.60 -15.11 15.74
N SER A 126 18.50 -14.55 15.24
CA SER A 126 18.30 -14.41 13.80
C SER A 126 18.27 -13.01 13.24
N GLY A 127 18.41 -12.00 14.10
CA GLY A 127 18.38 -10.63 13.62
C GLY A 127 16.97 -10.09 13.60
N ALA A 128 16.84 -8.82 13.24
CA ALA A 128 15.54 -8.15 13.19
C ALA A 128 15.12 -7.90 11.76
N PHE A 129 13.85 -8.08 11.48
CA PHE A 129 13.36 -7.87 10.13
C PHE A 129 12.22 -6.87 10.07
N PHE A 130 11.94 -6.46 8.84
CA PHE A 130 10.91 -5.50 8.51
C PHE A 130 10.40 -5.93 7.12
N ASN A 131 9.24 -6.56 7.07
CA ASN A 131 8.67 -7.02 5.80
C ASN A 131 9.68 -7.76 4.94
N GLY A 132 10.53 -8.57 5.56
CA GLY A 132 11.50 -9.34 4.79
C GLY A 132 12.93 -8.85 4.76
N GLU A 133 13.17 -7.58 5.09
CA GLU A 133 14.52 -7.05 5.06
C GLU A 133 15.09 -6.81 6.46
N ARG A 134 16.40 -6.93 6.59
CA ARG A 134 17.09 -6.74 7.85
C ARG A 134 17.07 -5.29 8.31
N ILE A 135 16.87 -5.09 9.61
CA ILE A 135 16.88 -3.75 10.16
C ILE A 135 17.88 -3.67 11.31
N ARG A 136 18.55 -2.51 11.44
CA ARG A 136 19.53 -2.30 12.51
C ARG A 136 19.31 -0.93 13.08
N VAL A 137 19.65 -0.75 14.36
CA VAL A 137 19.50 0.55 14.99
C VAL A 137 20.38 1.55 14.25
N SER A 138 20.23 2.82 14.59
CA SER A 138 21.00 3.87 13.94
C SER A 138 22.42 3.98 14.44
N GLU A 139 23.15 4.88 13.80
CA GLU A 139 24.54 5.13 14.15
C GLU A 139 24.68 6.58 14.59
N ASN A 140 23.55 7.21 14.94
CA ASN A 140 23.58 8.60 15.41
C ASN A 140 24.18 8.54 16.81
N ALA A 141 25.45 8.95 16.92
CA ALA A 141 26.19 8.91 18.18
C ALA A 141 26.01 10.05 19.18
N SER A 142 25.37 11.13 18.77
CA SER A 142 25.14 12.29 19.64
C SER A 142 23.70 12.83 19.51
N LEU A 143 23.17 13.39 20.58
CA LEU A 143 21.80 13.88 20.57
C LEU A 143 21.45 14.95 19.54
N GLU A 144 22.39 15.81 19.16
CA GLU A 144 22.10 16.86 18.18
C GLU A 144 21.54 16.28 16.88
N GLU A 145 21.81 15.00 16.64
CA GLU A 145 21.31 14.36 15.44
C GLU A 145 20.37 13.21 15.71
N CYS A 146 19.67 13.29 16.84
CA CYS A 146 18.73 12.26 17.21
C CYS A 146 17.30 12.72 17.25
N VAL A 147 16.43 11.80 16.88
CA VAL A 147 15.00 12.02 16.94
C VAL A 147 14.56 10.98 17.96
N GLY A 148 14.21 11.44 19.16
CA GLY A 148 13.76 10.52 20.17
C GLY A 148 12.25 10.46 20.11
N SER A 149 11.65 9.80 21.09
CA SER A 149 10.20 9.70 21.14
C SER A 149 9.80 9.18 22.50
N THR A 150 8.54 9.37 22.86
CA THR A 150 8.05 8.92 24.15
C THR A 150 6.55 8.71 24.09
N GLY A 151 6.00 8.17 25.18
CA GLY A 151 4.57 7.96 25.23
C GLY A 151 3.90 9.16 25.88
N SER A 152 2.57 9.14 25.92
CA SER A 152 1.81 10.23 26.52
C SER A 152 1.56 9.93 28.00
N TYR A 153 2.41 10.49 28.87
CA TYR A 153 2.31 10.29 30.31
C TYR A 153 2.18 11.63 31.05
N VAL A 154 1.13 11.75 31.85
CA VAL A 154 0.88 12.97 32.58
C VAL A 154 2.07 13.32 33.46
N ASP A 155 2.44 14.59 33.44
CA ASP A 155 3.56 15.10 34.24
C ASP A 155 4.95 14.64 33.80
N PHE A 156 5.01 13.66 32.90
CA PHE A 156 6.30 13.18 32.43
C PHE A 156 6.65 13.68 31.04
N THR A 157 5.73 13.49 30.10
CA THR A 157 5.91 13.89 28.71
C THR A 157 6.27 15.36 28.51
N GLY A 158 5.47 16.24 29.09
CA GLY A 158 5.72 17.66 28.95
C GLY A 158 7.12 18.06 29.40
N LYS A 159 7.45 17.73 30.64
CA LYS A 159 8.75 18.05 31.22
C LYS A 159 9.89 17.27 30.58
N PHE A 160 9.57 16.14 29.95
CA PHE A 160 10.57 15.33 29.28
C PHE A 160 10.92 16.00 27.94
N ILE A 161 9.88 16.47 27.24
CA ILE A 161 10.09 17.15 25.97
C ILE A 161 10.72 18.50 26.26
N GLU A 162 10.38 19.03 27.43
CA GLU A 162 10.89 20.32 27.88
C GLU A 162 12.41 20.30 27.88
N ARG A 163 12.96 19.30 28.56
CA ARG A 163 14.39 19.14 28.70
C ARG A 163 15.10 18.56 27.49
N MET A 164 14.39 17.73 26.74
CA MET A 164 14.97 17.07 25.58
C MET A 164 14.95 17.87 24.28
N GLU A 165 13.84 18.51 23.97
CA GLU A 165 13.71 19.28 22.74
C GLU A 165 14.88 20.24 22.56
N LYS A 166 15.51 20.63 23.68
CA LYS A 166 16.64 21.54 23.64
C LYS A 166 17.90 20.91 23.07
N ARG A 167 18.11 19.62 23.35
CA ARG A 167 19.33 18.95 22.89
C ARG A 167 19.22 17.93 21.77
N THR A 168 18.05 17.85 21.12
CA THR A 168 17.87 16.90 20.02
C THR A 168 17.23 17.59 18.83
N ARG A 169 17.08 16.85 17.73
CA ARG A 169 16.44 17.40 16.55
C ARG A 169 14.94 17.57 16.80
N ARG A 170 14.28 16.48 17.17
CA ARG A 170 12.86 16.48 17.43
C ARG A 170 12.48 15.37 18.41
N ILE A 171 11.32 15.48 19.02
CA ILE A 171 10.85 14.41 19.88
C ILE A 171 9.45 14.14 19.40
N ARG A 172 9.21 12.89 19.03
CA ARG A 172 7.93 12.45 18.50
C ARG A 172 7.03 11.75 19.51
N ILE A 173 5.73 11.89 19.31
CA ILE A 173 4.74 11.22 20.12
C ILE A 173 3.80 10.63 19.06
N LEU A 174 3.97 9.34 18.82
CA LEU A 174 3.23 8.61 17.78
C LEU A 174 1.95 7.92 18.20
N GLY A 175 1.89 7.43 19.43
CA GLY A 175 0.68 6.79 19.89
C GLY A 175 0.51 5.28 19.86
N SER A 176 1.57 4.53 19.55
CA SER A 176 1.52 3.07 19.56
C SER A 176 2.83 2.57 20.16
N ALA A 177 2.81 2.13 21.41
CA ALA A 177 4.03 1.69 22.10
C ALA A 177 4.89 0.65 21.40
N ALA A 178 4.29 -0.48 21.05
CA ALA A 178 5.03 -1.57 20.40
C ALA A 178 5.73 -1.12 19.13
N LEU A 179 4.98 -0.41 18.29
CA LEU A 179 5.50 0.08 17.03
C LEU A 179 6.71 1.00 17.23
N ASN A 180 6.53 1.96 18.14
CA ASN A 180 7.56 2.95 18.46
C ASN A 180 8.83 2.23 18.88
N ALA A 181 8.69 1.17 19.67
CA ALA A 181 9.85 0.41 20.12
C ALA A 181 10.48 -0.32 18.94
N ALA A 182 9.65 -0.82 18.03
CA ALA A 182 10.15 -1.53 16.86
C ALA A 182 10.87 -0.52 15.96
N TYR A 183 10.39 0.73 15.96
CA TYR A 183 10.98 1.79 15.17
C TYR A 183 12.43 2.11 15.55
N VAL A 184 12.75 1.93 16.82
CA VAL A 184 14.12 2.14 17.28
C VAL A 184 14.89 1.04 16.58
N GLY A 185 14.33 -0.18 16.60
CA GLY A 185 14.99 -1.29 15.96
C GLY A 185 15.09 -1.11 14.45
N ALA A 186 14.11 -0.42 13.87
CA ALA A 186 14.14 -0.18 12.44
C ALA A 186 15.15 0.94 12.16
N GLY A 187 15.42 1.76 13.18
CA GLY A 187 16.35 2.87 13.04
C GLY A 187 15.69 4.18 12.65
N ARG A 188 14.36 4.25 12.80
CA ARG A 188 13.58 5.44 12.44
C ARG A 188 13.62 6.51 13.53
N VAL A 189 14.01 6.11 14.73
CA VAL A 189 14.17 7.01 15.87
C VAL A 189 15.37 6.43 16.61
N ASP A 190 16.04 7.26 17.39
CA ASP A 190 17.25 6.79 18.06
C ASP A 190 17.00 6.32 19.49
N PHE A 191 15.84 6.68 20.02
CA PHE A 191 15.50 6.25 21.37
C PHE A 191 14.00 6.39 21.65
N PHE A 192 13.51 5.56 22.55
CA PHE A 192 12.10 5.56 22.92
C PHE A 192 11.94 5.36 24.42
N VAL A 193 11.27 6.31 25.06
CA VAL A 193 11.03 6.30 26.49
C VAL A 193 9.57 6.05 26.81
N THR A 194 9.30 5.12 27.72
CA THR A 194 7.94 4.77 28.10
C THR A 194 7.85 4.58 29.62
N TRP A 195 7.07 5.44 30.26
CA TRP A 195 6.90 5.45 31.72
C TRP A 195 5.72 4.61 32.24
N ARG A 196 5.76 4.34 33.55
CA ARG A 196 4.73 3.57 34.27
C ARG A 196 3.80 2.75 33.38
N ILE A 197 4.32 1.71 32.74
CA ILE A 197 3.52 0.86 31.86
C ILE A 197 3.77 -0.62 32.09
N ASN A 198 2.81 -1.44 31.66
CA ASN A 198 2.93 -2.89 31.83
C ASN A 198 4.10 -3.50 31.04
N PRO A 199 4.98 -4.23 31.73
CA PRO A 199 6.16 -4.89 31.16
C PRO A 199 5.90 -5.85 29.99
N TRP A 200 4.86 -6.66 30.12
CA TRP A 200 4.54 -7.61 29.07
C TRP A 200 4.08 -6.91 27.81
N ASP A 201 3.73 -5.63 27.96
CA ASP A 201 3.26 -4.80 26.87
C ASP A 201 4.29 -4.66 25.76
N ILE A 202 5.57 -4.68 26.13
CA ILE A 202 6.65 -4.51 25.15
C ILE A 202 7.64 -5.66 24.97
N ALA A 203 7.19 -6.88 25.21
CA ALA A 203 8.05 -8.04 25.06
C ALA A 203 8.45 -8.19 23.59
N ALA A 204 7.54 -7.83 22.69
CA ALA A 204 7.81 -7.95 21.24
C ALA A 204 8.78 -6.90 20.75
N GLY A 205 8.59 -5.65 21.18
CA GLY A 205 9.48 -4.59 20.74
C GLY A 205 10.86 -4.77 21.35
N LEU A 206 10.90 -5.33 22.55
CA LEU A 206 12.16 -5.55 23.24
C LEU A 206 13.10 -6.44 22.43
N ILE A 207 12.65 -7.64 22.09
CA ILE A 207 13.49 -8.55 21.32
C ILE A 207 13.82 -8.00 19.93
N ILE A 208 12.91 -7.20 19.38
CA ILE A 208 13.14 -6.60 18.08
C ILE A 208 14.30 -5.61 18.22
N VAL A 209 14.25 -4.75 19.24
CA VAL A 209 15.32 -3.78 19.44
C VAL A 209 16.64 -4.49 19.75
N LYS A 210 16.61 -5.51 20.60
CA LYS A 210 17.84 -6.23 20.94
C LYS A 210 18.44 -6.95 19.74
N GLU A 211 17.59 -7.55 18.91
CA GLU A 211 18.08 -8.24 17.71
C GLU A 211 18.49 -7.24 16.65
N ALA A 212 18.05 -6.00 16.81
CA ALA A 212 18.35 -4.92 15.89
C ALA A 212 19.69 -4.28 16.26
N GLY A 213 20.25 -4.70 17.39
CA GLY A 213 21.52 -4.17 17.83
C GLY A 213 21.38 -3.14 18.93
N GLY A 214 20.15 -2.85 19.30
CA GLY A 214 19.89 -1.87 20.34
C GLY A 214 20.13 -2.28 21.77
N MET A 215 19.84 -1.36 22.68
CA MET A 215 20.02 -1.55 24.11
C MET A 215 18.71 -1.24 24.84
N VAL A 216 18.25 -2.15 25.70
CA VAL A 216 17.02 -1.91 26.46
C VAL A 216 17.27 -2.06 27.96
N THR A 217 16.95 -1.02 28.72
CA THR A 217 17.14 -1.01 30.16
C THR A 217 16.02 -0.21 30.84
N ASP A 218 16.03 -0.19 32.17
CA ASP A 218 15.03 0.55 32.93
C ASP A 218 15.58 1.97 33.10
N PHE A 219 14.84 2.86 33.75
CA PHE A 219 15.34 4.23 33.92
C PHE A 219 16.58 4.25 34.81
N SER A 220 17.04 3.07 35.21
CA SER A 220 18.22 2.96 36.06
C SER A 220 19.43 2.47 35.27
N GLY A 221 19.25 2.21 33.98
CA GLY A 221 20.36 1.73 33.16
C GLY A 221 20.55 0.23 33.32
N LYS A 222 19.79 -0.36 34.23
CA LYS A 222 19.83 -1.79 34.51
C LYS A 222 19.11 -2.58 33.41
N GLU A 223 19.70 -3.69 32.98
CA GLU A 223 19.09 -4.53 31.95
C GLU A 223 17.60 -4.70 32.19
N ALA A 224 16.80 -4.44 31.15
CA ALA A 224 15.36 -4.55 31.25
C ALA A 224 14.91 -5.99 31.41
N ASN A 225 14.20 -6.25 32.51
CA ASN A 225 13.70 -7.58 32.81
C ASN A 225 12.21 -7.53 33.14
N ALA A 226 11.64 -8.71 33.39
CA ALA A 226 10.22 -8.85 33.71
C ALA A 226 9.80 -8.15 35.01
N PHE A 227 10.74 -7.50 35.69
CA PHE A 227 10.42 -6.81 36.94
C PHE A 227 10.59 -5.30 36.83
N SER A 228 10.89 -4.85 35.62
CA SER A 228 11.06 -3.43 35.32
C SER A 228 9.69 -2.84 34.98
N LYS A 229 9.49 -1.54 35.23
CA LYS A 229 8.21 -0.91 34.93
C LYS A 229 8.34 0.25 33.96
N ASN A 230 9.51 0.89 33.96
CA ASN A 230 9.78 1.99 33.06
C ASN A 230 10.82 1.44 32.10
N PHE A 231 10.73 1.84 30.83
CA PHE A 231 11.66 1.34 29.82
C PHE A 231 12.31 2.39 28.94
N ILE A 232 13.52 2.07 28.49
CA ILE A 232 14.27 2.94 27.58
C ILE A 232 14.87 2.08 26.47
N PHE A 233 14.42 2.32 25.24
CA PHE A 233 14.92 1.60 24.08
C PHE A 233 15.78 2.59 23.29
N SER A 234 16.97 2.18 22.89
CA SER A 234 17.84 3.09 22.13
C SER A 234 18.76 2.34 21.21
N ASN A 235 19.59 3.08 20.49
CA ASN A 235 20.53 2.48 19.58
C ASN A 235 21.82 2.11 20.32
N GLY A 236 21.80 2.25 21.64
CA GLY A 236 22.96 1.93 22.44
C GLY A 236 24.03 3.00 22.49
N LEU A 237 24.10 3.82 21.44
CA LEU A 237 25.10 4.88 21.37
C LEU A 237 24.83 6.11 22.26
N ILE A 238 23.56 6.52 22.37
CA ILE A 238 23.21 7.69 23.17
C ILE A 238 22.42 7.34 24.44
N HIS A 239 22.38 6.06 24.77
CA HIS A 239 21.65 5.58 25.93
C HIS A 239 21.95 6.33 27.23
N ASP A 240 23.21 6.34 27.64
CA ASP A 240 23.63 7.00 28.88
C ASP A 240 23.03 8.40 28.98
N GLU A 241 23.13 9.15 27.88
CA GLU A 241 22.60 10.51 27.81
C GLU A 241 21.12 10.52 28.14
N VAL A 242 20.36 9.68 27.43
CA VAL A 242 18.92 9.59 27.64
C VAL A 242 18.58 9.20 29.08
N VAL A 243 19.29 8.22 29.62
CA VAL A 243 19.06 7.76 30.99
C VAL A 243 19.26 8.91 32.00
N LYS A 244 20.39 9.60 31.88
CA LYS A 244 20.69 10.72 32.75
C LYS A 244 19.55 11.72 32.77
N VAL A 245 19.14 12.17 31.58
CA VAL A 245 18.08 13.16 31.45
C VAL A 245 16.73 12.64 31.92
N VAL A 246 16.53 11.33 31.84
CA VAL A 246 15.26 10.77 32.27
C VAL A 246 15.13 10.86 33.77
N ASN A 247 16.25 10.71 34.47
CA ASN A 247 16.20 10.79 35.92
C ASN A 247 16.05 12.23 36.34
N GLU A 248 16.44 13.12 35.45
CA GLU A 248 16.32 14.54 35.70
C GLU A 248 14.85 14.95 35.59
N VAL A 249 14.07 14.19 34.83
CA VAL A 249 12.65 14.49 34.66
C VAL A 249 11.82 13.83 35.76
N VAL A 250 12.23 12.63 36.14
CA VAL A 250 11.51 11.89 37.17
C VAL A 250 11.70 12.57 38.53
N GLU A 251 12.85 13.22 38.70
CA GLU A 251 13.16 13.92 39.94
C GLU A 251 12.34 15.19 40.00
N GLU A 252 12.41 15.97 38.94
CA GLU A 252 11.67 17.21 38.83
C GLU A 252 10.18 16.95 39.10
N ILE A 253 9.71 15.75 38.76
CA ILE A 253 8.31 15.42 38.97
C ILE A 253 8.10 14.78 40.35
N GLY A 254 9.14 14.83 41.18
CA GLY A 254 9.05 14.26 42.50
C GLY A 254 8.70 12.78 42.47
N MET B 1 -10.75 18.16 -11.32
CA MET B 1 -11.05 19.38 -12.11
C MET B 1 -9.98 19.57 -13.18
N ASP B 2 -9.33 20.72 -13.17
CA ASP B 2 -8.28 21.04 -14.13
C ASP B 2 -7.04 21.27 -13.31
N ARG B 3 -7.08 22.29 -12.46
CA ARG B 3 -5.93 22.61 -11.61
C ARG B 3 -5.82 21.61 -10.47
N LEU B 4 -6.96 21.15 -9.96
CA LEU B 4 -6.92 20.20 -8.85
C LEU B 4 -6.44 18.85 -9.32
N ASP B 5 -6.96 18.39 -10.46
CA ASP B 5 -6.55 17.09 -10.99
C ASP B 5 -5.06 17.12 -11.31
N PHE B 6 -4.62 18.24 -11.89
CA PHE B 6 -3.22 18.46 -12.25
C PHE B 6 -2.32 18.34 -11.04
N SER B 7 -2.70 19.04 -9.97
CA SER B 7 -1.95 19.06 -8.71
C SER B 7 -1.86 17.70 -8.03
N ILE B 8 -2.96 16.96 -8.02
CA ILE B 8 -3.00 15.63 -7.40
C ILE B 8 -2.04 14.69 -8.11
N LYS B 9 -2.11 14.69 -9.44
CA LYS B 9 -1.26 13.82 -10.24
C LYS B 9 0.22 14.19 -10.14
N LEU B 10 0.51 15.49 -10.17
CA LEU B 10 1.89 15.96 -10.08
C LEU B 10 2.53 15.53 -8.76
N LEU B 11 1.82 15.76 -7.65
CA LEU B 11 2.36 15.39 -6.35
C LEU B 11 2.56 13.89 -6.21
N ARG B 12 1.63 13.10 -6.75
CA ARG B 12 1.74 11.65 -6.67
C ARG B 12 2.97 11.17 -7.43
N LYS B 13 3.23 11.81 -8.57
CA LYS B 13 4.38 11.48 -9.40
C LYS B 13 5.65 11.83 -8.63
N VAL B 14 5.75 13.06 -8.12
CA VAL B 14 6.94 13.47 -7.39
C VAL B 14 7.16 12.66 -6.12
N GLY B 15 6.06 12.18 -5.54
CA GLY B 15 6.17 11.37 -4.33
C GLY B 15 7.06 10.15 -4.50
N HIS B 16 7.07 9.59 -5.71
CA HIS B 16 7.89 8.43 -5.97
C HIS B 16 9.35 8.80 -5.94
N LEU B 17 9.65 10.00 -6.42
CA LEU B 17 11.04 10.47 -6.42
C LEU B 17 11.54 10.53 -4.99
N LEU B 18 10.67 10.94 -4.07
CA LEU B 18 11.05 11.03 -2.67
C LEU B 18 11.18 9.66 -2.02
N MET B 19 10.39 8.70 -2.49
CA MET B 19 10.43 7.36 -1.93
C MET B 19 11.79 6.74 -2.16
N ILE B 20 12.37 7.02 -3.31
CA ILE B 20 13.69 6.51 -3.65
C ILE B 20 14.71 6.82 -2.55
N HIS B 21 14.72 8.06 -2.10
CA HIS B 21 15.69 8.49 -1.10
C HIS B 21 15.24 8.47 0.36
N TRP B 22 13.97 8.16 0.58
CA TRP B 22 13.40 8.09 1.94
C TRP B 22 14.23 7.25 2.91
N GLY B 23 14.77 7.89 3.95
CA GLY B 23 15.58 7.19 4.94
C GLY B 23 17.00 6.85 4.50
N ARG B 24 17.38 7.35 3.33
CA ARG B 24 18.71 7.11 2.79
C ARG B 24 19.28 8.39 2.21
N VAL B 25 19.18 9.48 2.98
CA VAL B 25 19.72 10.76 2.55
C VAL B 25 21.14 10.84 3.10
N ASP B 26 22.12 10.83 2.20
CA ASP B 26 23.52 10.90 2.61
C ASP B 26 23.84 12.15 3.43
N ASN B 27 23.76 13.31 2.79
CA ASN B 27 24.05 14.57 3.47
C ASN B 27 22.82 15.46 3.70
N VAL B 28 22.78 16.07 4.89
CA VAL B 28 21.71 16.99 5.27
C VAL B 28 22.40 18.26 5.77
N GLU B 29 21.90 19.43 5.41
CA GLU B 29 22.53 20.65 5.85
C GLU B 29 21.72 21.42 6.86
N LYS B 30 22.41 22.08 7.79
CA LYS B 30 21.72 22.85 8.82
C LYS B 30 21.45 24.27 8.33
N LYS B 31 20.21 24.53 7.95
CA LYS B 31 19.83 25.85 7.48
C LYS B 31 20.20 26.94 8.49
N THR B 32 19.59 26.88 9.69
CA THR B 32 19.84 27.87 10.74
C THR B 32 20.32 27.26 12.06
N GLY B 33 20.27 25.94 12.18
CA GLY B 33 20.70 25.27 13.40
C GLY B 33 20.65 23.77 13.19
N PHE B 34 20.83 22.97 14.24
CA PHE B 34 20.79 21.52 14.04
C PHE B 34 19.35 20.98 14.04
N LYS B 35 18.41 21.80 14.50
CA LYS B 35 17.02 21.41 14.52
C LYS B 35 16.35 21.84 13.22
N ASP B 36 17.04 22.67 12.44
CA ASP B 36 16.49 23.17 11.17
C ASP B 36 17.34 22.76 9.94
N ILE B 37 16.90 21.72 9.26
CA ILE B 37 17.64 21.20 8.11
C ILE B 37 16.87 21.24 6.78
N VAL B 38 17.53 20.70 5.75
CA VAL B 38 17.01 20.61 4.40
C VAL B 38 17.99 19.70 3.66
N THR B 39 17.59 19.18 2.50
CA THR B 39 18.46 18.28 1.74
C THR B 39 18.42 18.56 0.25
N GLU B 40 19.30 17.92 -0.51
CA GLU B 40 19.32 18.15 -1.94
C GLU B 40 18.14 17.50 -2.62
N ILE B 41 17.46 16.62 -1.89
CA ILE B 41 16.29 15.96 -2.44
C ILE B 41 15.12 16.93 -2.38
N ASP B 42 15.13 17.81 -1.39
CA ASP B 42 14.09 18.83 -1.24
C ASP B 42 14.15 19.65 -2.52
N ARG B 43 15.37 19.99 -2.91
CA ARG B 43 15.65 20.79 -4.10
C ARG B 43 15.24 20.13 -5.40
N GLU B 44 15.60 18.86 -5.56
CA GLU B 44 15.28 18.12 -6.76
C GLU B 44 13.77 17.91 -6.88
N ALA B 45 13.13 17.70 -5.75
CA ALA B 45 11.69 17.50 -5.76
C ALA B 45 10.99 18.78 -6.17
N GLN B 46 11.42 19.90 -5.59
CA GLN B 46 10.82 21.20 -5.91
C GLN B 46 10.96 21.55 -7.38
N ARG B 47 12.15 21.30 -7.92
CA ARG B 47 12.46 21.57 -9.31
C ARG B 47 11.52 20.80 -10.25
N MET B 48 11.19 19.57 -9.87
CA MET B 48 10.27 18.75 -10.66
C MET B 48 8.90 19.42 -10.66
N ILE B 49 8.47 19.88 -9.49
CA ILE B 49 7.18 20.53 -9.34
C ILE B 49 7.18 21.88 -10.06
N VAL B 50 8.18 22.70 -9.75
CA VAL B 50 8.30 24.00 -10.38
C VAL B 50 8.26 23.88 -11.92
N ASP B 51 9.11 23.02 -12.47
CA ASP B 51 9.19 22.82 -13.92
C ASP B 51 7.84 22.45 -14.55
N GLU B 52 7.09 21.62 -13.84
CA GLU B 52 5.80 21.19 -14.36
C GLU B 52 4.79 22.33 -14.37
N ILE B 53 4.77 23.11 -13.28
CA ILE B 53 3.85 24.24 -13.18
C ILE B 53 4.18 25.27 -14.24
N ARG B 54 5.47 25.57 -14.39
CA ARG B 54 5.92 26.53 -15.39
C ARG B 54 5.42 26.15 -16.78
N LYS B 55 5.47 24.85 -17.08
CA LYS B 55 5.06 24.35 -18.40
C LYS B 55 3.61 24.59 -18.75
N PHE B 56 2.69 24.29 -17.83
CA PHE B 56 1.28 24.47 -18.09
C PHE B 56 0.69 25.83 -17.67
N PHE B 57 1.41 26.57 -16.85
CA PHE B 57 0.97 27.88 -16.39
C PHE B 57 2.18 28.80 -16.38
N PRO B 58 2.79 29.00 -17.54
CA PRO B 58 3.98 29.84 -17.70
C PRO B 58 3.94 31.27 -17.12
N ASP B 59 2.80 31.94 -17.20
CA ASP B 59 2.74 33.31 -16.68
C ASP B 59 2.25 33.43 -15.23
N GLU B 60 2.06 32.30 -14.55
CA GLU B 60 1.60 32.34 -13.17
C GLU B 60 2.81 32.38 -12.24
N ASN B 61 2.59 32.75 -10.98
CA ASN B 61 3.70 32.85 -10.05
C ASN B 61 3.89 31.66 -9.14
N ILE B 62 5.15 31.43 -8.78
CA ILE B 62 5.51 30.33 -7.91
C ILE B 62 6.25 30.80 -6.66
N MET B 63 5.84 30.27 -5.52
CA MET B 63 6.45 30.61 -4.24
C MET B 63 6.78 29.30 -3.51
N ALA B 64 8.02 29.14 -3.09
CA ALA B 64 8.44 27.93 -2.39
C ALA B 64 9.15 28.17 -1.06
N GLU B 65 9.34 27.09 -0.31
CA GLU B 65 10.01 27.14 0.99
C GLU B 65 11.37 27.83 0.86
N GLU B 66 11.98 27.64 -0.30
CA GLU B 66 13.28 28.22 -0.62
C GLU B 66 13.36 28.29 -2.14
N GLY B 67 14.41 28.94 -2.64
CA GLY B 67 14.59 29.00 -4.08
C GLY B 67 13.73 29.93 -4.93
N ILE B 68 12.43 30.02 -4.66
CA ILE B 68 11.58 30.87 -5.48
C ILE B 68 10.53 31.54 -4.59
N PHE B 69 10.43 32.86 -4.64
CA PHE B 69 9.46 33.56 -3.80
C PHE B 69 8.67 34.63 -4.55
N GLU B 70 8.06 34.25 -5.67
CA GLU B 70 7.30 35.19 -6.48
C GLU B 70 5.97 35.60 -5.86
N LYS B 71 5.41 36.69 -6.37
CA LYS B 71 4.14 37.24 -5.89
C LYS B 71 3.24 37.57 -7.08
N GLY B 72 1.94 37.47 -6.89
CA GLY B 72 1.03 37.78 -7.98
C GLY B 72 -0.39 37.32 -7.76
N ASP B 73 -1.25 37.70 -8.69
CA ASP B 73 -2.67 37.35 -8.65
C ASP B 73 -2.84 35.83 -8.67
N ARG B 74 -2.04 35.16 -9.50
CA ARG B 74 -2.08 33.70 -9.62
C ARG B 74 -0.77 33.18 -9.05
N LEU B 75 -0.87 32.59 -7.87
CA LEU B 75 0.30 32.08 -7.16
C LEU B 75 0.17 30.64 -6.73
N TRP B 76 1.24 29.88 -6.91
CA TRP B 76 1.28 28.48 -6.50
C TRP B 76 2.27 28.41 -5.36
N ILE B 77 1.84 27.86 -4.23
CA ILE B 77 2.69 27.73 -3.07
C ILE B 77 3.14 26.28 -2.87
N ILE B 78 4.46 26.07 -2.84
CA ILE B 78 5.02 24.74 -2.71
C ILE B 78 5.91 24.45 -1.50
N ASP B 79 5.82 23.21 -1.01
CA ASP B 79 6.67 22.71 0.06
C ASP B 79 7.02 21.29 -0.41
N PRO B 80 8.17 21.13 -1.08
CA PRO B 80 8.65 19.85 -1.60
C PRO B 80 8.63 18.71 -0.59
N ILE B 81 9.06 18.99 0.63
CA ILE B 81 9.06 17.96 1.69
C ILE B 81 8.75 18.61 3.03
N ASP B 82 7.51 18.43 3.46
CA ASP B 82 7.05 18.95 4.75
C ASP B 82 7.33 17.85 5.76
N GLY B 83 8.42 17.97 6.51
CA GLY B 83 8.75 16.93 7.48
C GLY B 83 10.06 16.33 7.05
N THR B 84 10.98 17.18 6.64
CA THR B 84 12.29 16.75 6.17
C THR B 84 13.00 15.83 7.15
N ILE B 85 12.94 16.18 8.44
CA ILE B 85 13.61 15.39 9.45
C ILE B 85 13.06 13.98 9.52
N ASN B 86 11.74 13.83 9.42
CA ASN B 86 11.14 12.50 9.44
C ASN B 86 11.62 11.76 8.21
N PHE B 87 11.57 12.47 7.08
CA PHE B 87 12.01 11.94 5.79
C PHE B 87 13.40 11.34 5.88
N VAL B 88 14.33 12.09 6.48
CA VAL B 88 15.71 11.64 6.62
C VAL B 88 15.86 10.43 7.54
N HIS B 89 15.09 10.41 8.63
CA HIS B 89 15.16 9.32 9.60
C HIS B 89 14.41 8.09 9.14
N GLY B 90 13.58 8.26 8.12
CA GLY B 90 12.83 7.13 7.61
C GLY B 90 11.42 7.01 8.13
N LEU B 91 10.94 8.03 8.85
CA LEU B 91 9.58 7.98 9.36
C LEU B 91 8.65 8.27 8.21
N PRO B 92 7.46 7.66 8.21
CA PRO B 92 6.51 7.88 7.13
C PRO B 92 5.76 9.21 7.12
N ASN B 93 5.77 9.92 8.24
CA ASN B 93 5.07 11.21 8.32
C ASN B 93 5.83 12.37 7.71
N PHE B 94 5.64 12.56 6.42
CA PHE B 94 6.23 13.66 5.66
C PHE B 94 5.36 13.76 4.42
N SER B 95 5.20 14.97 3.89
CA SER B 95 4.36 15.12 2.71
C SER B 95 4.78 16.22 1.76
N ILE B 96 4.20 16.18 0.56
CA ILE B 96 4.44 17.20 -0.43
C ILE B 96 3.20 18.06 -0.37
N SER B 97 3.39 19.38 -0.37
CA SER B 97 2.25 20.25 -0.28
C SER B 97 2.19 21.23 -1.43
N LEU B 98 0.99 21.44 -1.95
CA LEU B 98 0.79 22.40 -3.03
C LEU B 98 -0.53 23.13 -2.84
N ALA B 99 -0.57 24.38 -3.29
CA ALA B 99 -1.79 25.17 -3.20
C ALA B 99 -1.80 26.22 -4.29
N TYR B 100 -2.97 26.45 -4.87
CA TYR B 100 -3.09 27.49 -5.88
C TYR B 100 -3.85 28.64 -5.22
N VAL B 101 -3.20 29.79 -5.16
CA VAL B 101 -3.78 30.97 -4.55
C VAL B 101 -4.21 31.95 -5.62
N GLU B 102 -5.46 32.38 -5.57
CA GLU B 102 -5.99 33.31 -6.55
C GLU B 102 -6.43 34.60 -5.87
N ASN B 103 -5.71 35.69 -6.17
CA ASN B 103 -6.00 36.99 -5.58
C ASN B 103 -5.92 36.97 -4.06
N GLY B 104 -4.92 36.24 -3.55
CA GLY B 104 -4.70 36.14 -2.11
C GLY B 104 -5.41 35.01 -1.38
N GLU B 105 -6.49 34.50 -1.95
CA GLU B 105 -7.22 33.41 -1.32
C GLU B 105 -6.87 32.10 -1.98
N VAL B 106 -6.69 31.07 -1.16
CA VAL B 106 -6.33 29.75 -1.63
C VAL B 106 -7.54 29.02 -2.22
N LYS B 107 -7.46 28.74 -3.52
CA LYS B 107 -8.55 28.08 -4.22
C LYS B 107 -8.52 26.57 -4.05
N LEU B 108 -7.35 25.97 -4.23
CA LEU B 108 -7.24 24.53 -4.07
C LEU B 108 -6.00 24.21 -3.28
N GLY B 109 -6.03 23.07 -2.59
CA GLY B 109 -4.89 22.65 -1.79
C GLY B 109 -4.78 21.14 -1.83
N VAL B 110 -3.55 20.65 -1.93
CA VAL B 110 -3.27 19.22 -2.00
C VAL B 110 -2.09 18.86 -1.12
N VAL B 111 -2.28 17.88 -0.24
CA VAL B 111 -1.23 17.41 0.65
C VAL B 111 -1.02 15.92 0.37
N HIS B 112 0.18 15.55 -0.06
CA HIS B 112 0.44 14.14 -0.38
C HIS B 112 1.57 13.49 0.40
N ALA B 113 1.23 12.40 1.08
CA ALA B 113 2.18 11.62 1.87
C ALA B 113 2.50 10.33 1.10
N PRO B 114 3.65 10.31 0.40
CA PRO B 114 4.06 9.13 -0.39
C PRO B 114 4.12 7.83 0.42
N ALA B 115 4.86 7.84 1.51
CA ALA B 115 5.01 6.65 2.33
C ALA B 115 3.69 6.06 2.77
N LEU B 116 2.71 6.92 3.03
CA LEU B 116 1.40 6.48 3.49
C LEU B 116 0.35 6.41 2.38
N ASN B 117 0.70 6.84 1.18
CA ASN B 117 -0.25 6.83 0.07
C ASN B 117 -1.52 7.59 0.45
N GLU B 118 -1.34 8.76 1.05
CA GLU B 118 -2.47 9.58 1.47
C GLU B 118 -2.45 10.93 0.78
N THR B 119 -3.46 11.16 -0.04
CA THR B 119 -3.57 12.41 -0.76
C THR B 119 -4.84 13.09 -0.30
N LEU B 120 -4.68 14.14 0.50
CA LEU B 120 -5.83 14.87 0.98
C LEU B 120 -5.88 16.15 0.18
N TYR B 121 -7.09 16.59 -0.15
CA TYR B 121 -7.25 17.81 -0.93
C TYR B 121 -8.63 18.44 -0.86
N ALA B 122 -8.70 19.68 -1.35
CA ALA B 122 -9.95 20.42 -1.36
C ALA B 122 -9.83 21.55 -2.37
N GLU B 123 -10.97 21.86 -3.00
CA GLU B 123 -11.07 22.91 -3.99
C GLU B 123 -12.12 23.85 -3.40
N GLU B 124 -11.96 25.15 -3.58
CA GLU B 124 -12.92 26.11 -3.02
C GLU B 124 -14.35 25.87 -3.52
N GLY B 125 -15.24 25.58 -2.57
CA GLY B 125 -16.64 25.34 -2.88
C GLY B 125 -16.98 23.92 -3.28
N SER B 126 -16.00 23.02 -3.23
CA SER B 126 -16.23 21.64 -3.64
C SER B 126 -16.13 20.58 -2.52
N GLY B 127 -15.73 21.01 -1.33
CA GLY B 127 -15.60 20.06 -0.22
C GLY B 127 -14.19 19.48 -0.11
N ALA B 128 -13.94 18.70 0.95
CA ALA B 128 -12.62 18.10 1.14
C ALA B 128 -12.61 16.59 0.91
N PHE B 129 -11.54 16.12 0.28
CA PHE B 129 -11.41 14.68 -0.02
C PHE B 129 -10.15 14.03 0.53
N PHE B 130 -10.16 12.71 0.47
CA PHE B 130 -9.05 11.90 0.92
C PHE B 130 -9.01 10.76 -0.09
N ASN B 131 -8.10 10.86 -1.05
CA ASN B 131 -7.98 9.84 -2.09
C ASN B 131 -9.29 9.55 -2.80
N GLY B 132 -10.05 10.59 -3.09
CA GLY B 132 -11.30 10.40 -3.80
C GLY B 132 -12.57 10.41 -2.97
N GLU B 133 -12.47 10.08 -1.69
CA GLU B 133 -13.66 10.07 -0.86
C GLU B 133 -13.74 11.36 -0.03
N ARG B 134 -14.95 11.75 0.30
CA ARG B 134 -15.20 12.96 1.07
C ARG B 134 -14.78 12.85 2.53
N ILE B 135 -14.22 13.93 3.05
CA ILE B 135 -13.83 13.96 4.46
C ILE B 135 -14.41 15.20 5.11
N ARG B 136 -14.68 15.09 6.41
CA ARG B 136 -15.21 16.20 7.18
C ARG B 136 -14.60 16.15 8.56
N VAL B 137 -14.55 17.29 9.23
CA VAL B 137 -13.96 17.36 10.56
C VAL B 137 -14.72 16.49 11.57
N SER B 138 -14.07 16.16 12.70
CA SER B 138 -14.70 15.34 13.72
C SER B 138 -15.93 16.03 14.34
N GLU B 139 -16.71 15.26 15.10
CA GLU B 139 -17.90 15.78 15.76
C GLU B 139 -17.71 15.80 17.27
N ASN B 140 -16.46 15.70 17.71
CA ASN B 140 -16.13 15.71 19.14
C ASN B 140 -16.30 17.12 19.68
N ALA B 141 -17.24 17.28 20.61
CA ALA B 141 -17.52 18.59 21.21
C ALA B 141 -16.79 18.85 22.52
N SER B 142 -16.22 17.79 23.12
CA SER B 142 -15.51 17.91 24.40
C SER B 142 -14.01 17.65 24.31
N LEU B 143 -13.22 18.54 24.87
CA LEU B 143 -11.76 18.43 24.86
C LEU B 143 -11.24 17.12 25.49
N GLU B 144 -11.96 16.64 26.50
CA GLU B 144 -11.57 15.40 27.17
C GLU B 144 -11.53 14.25 26.20
N GLU B 145 -12.52 14.21 25.30
CA GLU B 145 -12.61 13.14 24.31
C GLU B 145 -11.86 13.46 23.02
N CYS B 146 -10.93 14.42 23.09
CA CYS B 146 -10.16 14.83 21.94
C CYS B 146 -8.70 14.40 21.92
N VAL B 147 -8.17 14.36 20.70
CA VAL B 147 -6.79 14.03 20.45
C VAL B 147 -6.34 15.24 19.63
N GLY B 148 -5.54 16.10 20.27
CA GLY B 148 -5.05 17.26 19.57
C GLY B 148 -3.66 16.94 19.09
N SER B 149 -2.97 17.93 18.54
CA SER B 149 -1.62 17.69 18.06
C SER B 149 -0.89 19.02 17.90
N THR B 150 0.43 18.95 17.77
CA THR B 150 1.22 20.16 17.61
C THR B 150 2.61 19.85 17.06
N GLY B 151 3.38 20.90 16.73
CA GLY B 151 4.73 20.70 16.22
C GLY B 151 5.76 20.68 17.33
N SER B 152 7.02 20.54 16.97
CA SER B 152 8.10 20.51 17.95
C SER B 152 8.86 21.83 18.01
N TYR B 153 8.32 22.75 18.81
CA TYR B 153 8.92 24.07 18.99
C TYR B 153 9.53 24.10 20.39
N VAL B 154 10.80 24.49 20.48
CA VAL B 154 11.46 24.56 21.77
C VAL B 154 10.72 25.56 22.67
N ASP B 155 10.58 25.19 23.94
CA ASP B 155 9.89 25.99 24.96
C ASP B 155 8.36 25.94 24.90
N PHE B 156 7.79 26.15 23.72
CA PHE B 156 6.34 26.12 23.59
C PHE B 156 5.73 24.72 23.71
N THR B 157 6.39 23.73 23.13
CA THR B 157 5.85 22.36 23.15
C THR B 157 5.69 21.80 24.54
N GLY B 158 6.80 21.65 25.26
CA GLY B 158 6.74 21.13 26.60
C GLY B 158 5.62 21.79 27.40
N LYS B 159 5.51 23.11 27.27
CA LYS B 159 4.48 23.85 27.99
C LYS B 159 3.06 23.51 27.52
N PHE B 160 2.88 23.40 26.21
CA PHE B 160 1.57 23.08 25.64
C PHE B 160 1.05 21.74 26.12
N ILE B 161 1.91 20.72 26.08
CA ILE B 161 1.51 19.39 26.51
C ILE B 161 1.13 19.49 27.97
N GLU B 162 2.05 20.04 28.74
CA GLU B 162 1.89 20.24 30.18
C GLU B 162 0.50 20.74 30.55
N ARG B 163 0.02 21.72 29.80
CA ARG B 163 -1.29 22.31 30.05
C ARG B 163 -2.41 21.44 29.49
N MET B 164 -2.31 21.16 28.19
CA MET B 164 -3.29 20.38 27.46
C MET B 164 -3.51 18.93 27.93
N GLU B 165 -2.44 18.28 28.39
CA GLU B 165 -2.50 16.88 28.81
C GLU B 165 -3.59 16.48 29.81
N LYS B 166 -3.92 17.37 30.74
CA LYS B 166 -4.93 17.06 31.73
C LYS B 166 -6.32 17.44 31.25
N ARG B 167 -6.35 18.15 30.12
CA ARG B 167 -7.59 18.63 29.52
C ARG B 167 -8.08 17.79 28.35
N THR B 168 -7.19 17.01 27.75
CA THR B 168 -7.55 16.19 26.61
C THR B 168 -7.35 14.70 26.84
N ARG B 169 -7.53 13.93 25.77
CA ARG B 169 -7.37 12.48 25.82
C ARG B 169 -5.91 12.14 25.51
N ARG B 170 -5.38 12.74 24.44
CA ARG B 170 -3.99 12.53 24.00
C ARG B 170 -3.59 13.69 23.11
N ILE B 171 -2.27 13.89 23.01
CA ILE B 171 -1.67 14.93 22.18
C ILE B 171 -0.61 14.23 21.33
N ARG B 172 -0.69 14.39 20.01
CA ARG B 172 0.27 13.77 19.11
C ARG B 172 1.23 14.77 18.51
N ILE B 173 2.42 14.28 18.18
CA ILE B 173 3.46 15.09 17.53
C ILE B 173 4.03 14.14 16.46
N LEU B 174 3.44 14.24 15.27
CA LEU B 174 3.79 13.39 14.15
C LEU B 174 4.95 13.86 13.27
N GLY B 175 4.99 15.15 12.95
CA GLY B 175 6.10 15.62 12.16
C GLY B 175 5.86 16.35 10.85
N SER B 176 4.65 16.30 10.32
CA SER B 176 4.38 16.99 9.06
C SER B 176 3.22 17.97 9.25
N ALA B 177 3.55 19.26 9.30
CA ALA B 177 2.56 20.31 9.50
C ALA B 177 1.43 20.27 8.48
N ALA B 178 1.77 20.15 7.20
CA ALA B 178 0.75 20.10 6.17
C ALA B 178 -0.19 18.91 6.41
N LEU B 179 0.39 17.73 6.61
CA LEU B 179 -0.38 16.52 6.85
C LEU B 179 -1.18 16.63 8.15
N ASN B 180 -0.51 17.08 9.20
CA ASN B 180 -1.13 17.24 10.50
C ASN B 180 -2.37 18.12 10.42
N ALA B 181 -2.31 19.13 9.55
CA ALA B 181 -3.43 20.04 9.36
C ALA B 181 -4.52 19.33 8.58
N ALA B 182 -4.14 18.72 7.46
CA ALA B 182 -5.10 17.99 6.63
C ALA B 182 -5.76 16.89 7.46
N TYR B 183 -5.03 16.36 8.43
CA TYR B 183 -5.54 15.30 9.29
C TYR B 183 -6.70 15.80 10.11
N VAL B 184 -6.77 17.12 10.30
CA VAL B 184 -7.87 17.72 11.06
C VAL B 184 -9.13 17.65 10.21
N GLY B 185 -9.01 18.01 8.94
CA GLY B 185 -10.13 17.97 8.02
C GLY B 185 -10.54 16.53 7.77
N ALA B 186 -9.63 15.59 8.05
CA ALA B 186 -9.90 14.16 7.87
C ALA B 186 -10.60 13.58 9.11
N GLY B 187 -10.64 14.35 10.18
CA GLY B 187 -11.28 13.91 11.41
C GLY B 187 -10.40 12.95 12.22
N ARG B 188 -9.12 12.89 11.86
CA ARG B 188 -8.19 12.02 12.54
C ARG B 188 -7.70 12.62 13.84
N VAL B 189 -7.67 13.96 13.90
CA VAL B 189 -7.29 14.69 15.11
C VAL B 189 -8.35 15.77 15.22
N ASP B 190 -8.64 16.21 16.43
CA ASP B 190 -9.68 17.21 16.62
C ASP B 190 -9.21 18.65 16.52
N PHE B 191 -7.91 18.85 16.54
CA PHE B 191 -7.33 20.18 16.41
C PHE B 191 -5.85 20.06 16.23
N PHE B 192 -5.25 21.12 15.71
CA PHE B 192 -3.82 21.16 15.47
C PHE B 192 -3.32 22.59 15.72
N VAL B 193 -2.24 22.70 16.47
CA VAL B 193 -1.67 24.00 16.83
C VAL B 193 -0.25 24.24 16.29
N THR B 194 -0.05 25.39 15.63
CA THR B 194 1.25 25.74 15.05
C THR B 194 1.79 27.05 15.60
N TRP B 195 3.06 27.03 15.99
CA TRP B 195 3.78 28.18 16.55
C TRP B 195 4.86 28.57 15.54
N ARG B 196 4.88 29.82 15.10
CA ARG B 196 5.90 30.24 14.12
C ARG B 196 5.74 29.38 12.87
N ILE B 197 5.23 29.94 11.78
CA ILE B 197 5.07 29.12 10.57
C ILE B 197 4.92 29.93 9.28
N ASN B 198 5.31 29.31 8.16
CA ASN B 198 5.23 29.93 6.84
C ASN B 198 3.99 29.47 6.07
N PRO B 199 3.62 30.18 4.98
CA PRO B 199 2.45 29.84 4.17
C PRO B 199 2.51 28.48 3.46
N TRP B 200 3.71 28.07 3.03
CA TRP B 200 3.87 26.79 2.31
C TRP B 200 3.69 25.55 3.20
N ASP B 201 3.71 25.76 4.52
CA ASP B 201 3.52 24.67 5.46
C ASP B 201 2.02 24.53 5.79
N ILE B 202 1.22 25.54 5.45
CA ILE B 202 -0.20 25.49 5.76
C ILE B 202 -1.23 26.06 4.77
N ALA B 203 -0.81 26.50 3.58
CA ALA B 203 -1.77 27.05 2.61
C ALA B 203 -2.73 25.94 2.21
N ALA B 204 -2.19 24.76 1.96
CA ALA B 204 -3.00 23.63 1.58
C ALA B 204 -3.82 23.16 2.78
N GLY B 205 -3.23 23.18 3.96
CA GLY B 205 -3.95 22.76 5.15
C GLY B 205 -5.16 23.60 5.51
N LEU B 206 -5.09 24.90 5.26
CA LEU B 206 -6.19 25.79 5.57
C LEU B 206 -7.42 25.44 4.75
N ILE B 207 -7.25 25.40 3.44
CA ILE B 207 -8.36 25.12 2.54
C ILE B 207 -8.99 23.75 2.77
N ILE B 208 -8.16 22.76 3.11
CA ILE B 208 -8.65 21.41 3.36
C ILE B 208 -9.54 21.40 4.60
N VAL B 209 -8.99 21.92 5.69
CA VAL B 209 -9.73 21.96 6.95
C VAL B 209 -10.95 22.85 6.81
N LYS B 210 -10.82 23.95 6.08
CA LYS B 210 -11.96 24.83 5.89
C LYS B 210 -13.05 24.16 5.06
N GLU B 211 -12.70 23.57 3.92
CA GLU B 211 -13.71 22.90 3.11
C GLU B 211 -14.24 21.65 3.80
N ALA B 212 -13.59 21.23 4.89
CA ALA B 212 -14.01 20.05 5.64
C ALA B 212 -14.87 20.39 6.85
N GLY B 213 -15.30 21.65 6.94
CA GLY B 213 -16.16 22.10 8.03
C GLY B 213 -15.50 22.60 9.30
N GLY B 214 -14.17 22.73 9.30
CA GLY B 214 -13.45 23.17 10.48
C GLY B 214 -13.18 24.65 10.60
N MET B 215 -12.31 25.02 11.54
CA MET B 215 -11.98 26.41 11.77
C MET B 215 -10.47 26.64 11.79
N VAL B 216 -10.05 27.79 11.26
CA VAL B 216 -8.63 28.14 11.19
C VAL B 216 -8.45 29.63 11.49
N THR B 217 -7.90 29.95 12.66
CA THR B 217 -7.68 31.33 13.05
C THR B 217 -6.30 31.46 13.68
N ASP B 218 -5.83 32.68 13.85
CA ASP B 218 -4.53 32.87 14.50
C ASP B 218 -4.73 32.60 15.98
N PHE B 219 -3.69 32.84 16.78
CA PHE B 219 -3.77 32.57 18.19
C PHE B 219 -4.71 33.52 18.92
N SER B 220 -5.18 34.55 18.24
CA SER B 220 -6.09 35.50 18.88
C SER B 220 -7.54 35.09 18.61
N GLY B 221 -7.78 34.47 17.45
CA GLY B 221 -9.13 34.04 17.11
C GLY B 221 -9.61 34.68 15.84
N LYS B 222 -8.73 35.46 15.22
CA LYS B 222 -9.06 36.14 13.98
C LYS B 222 -8.89 35.17 12.81
N GLU B 223 -9.90 35.11 11.95
CA GLU B 223 -9.85 34.23 10.78
C GLU B 223 -8.67 34.66 9.92
N ALA B 224 -7.60 33.87 9.92
CA ALA B 224 -6.43 34.19 9.11
C ALA B 224 -6.50 33.53 7.74
N ASN B 225 -5.55 33.89 6.88
CA ASN B 225 -5.46 33.35 5.52
C ASN B 225 -4.03 32.92 5.17
N ALA B 226 -3.44 33.54 4.17
CA ALA B 226 -2.09 33.24 3.72
C ALA B 226 -1.12 32.97 4.88
N PHE B 227 -1.16 33.83 5.89
CA PHE B 227 -0.29 33.69 7.04
C PHE B 227 -0.76 34.56 8.21
N SER B 228 -0.08 34.43 9.34
CA SER B 228 -0.39 35.21 10.54
C SER B 228 0.63 34.90 11.63
N LYS B 229 1.54 33.98 11.32
CA LYS B 229 2.62 33.55 12.22
C LYS B 229 2.18 32.50 13.24
N ASN B 230 0.89 32.51 13.59
CA ASN B 230 0.34 31.54 14.54
C ASN B 230 -0.96 30.97 13.99
N PHE B 231 -1.15 29.66 14.11
CA PHE B 231 -2.34 29.00 13.58
C PHE B 231 -2.98 27.98 14.52
N ILE B 232 -4.29 27.83 14.40
CA ILE B 232 -5.03 26.84 15.17
C ILE B 232 -6.07 26.24 14.21
N PHE B 233 -5.98 24.94 13.94
CA PHE B 233 -6.94 24.28 13.06
C PHE B 233 -7.80 23.38 13.93
N SER B 234 -9.10 23.33 13.66
CA SER B 234 -9.97 22.46 14.47
C SER B 234 -11.34 22.21 13.85
N ASN B 235 -12.10 21.31 14.44
CA ASN B 235 -13.43 20.98 13.96
C ASN B 235 -14.43 22.11 14.21
N GLY B 236 -13.98 23.16 14.89
CA GLY B 236 -14.85 24.30 15.16
C GLY B 236 -15.74 24.19 16.40
N LEU B 237 -15.83 23.00 16.99
CA LEU B 237 -16.67 22.81 18.15
C LEU B 237 -15.91 23.05 19.45
N ILE B 238 -14.58 23.03 19.36
CA ILE B 238 -13.76 23.24 20.54
C ILE B 238 -12.68 24.28 20.30
N HIS B 239 -12.83 25.05 19.23
CA HIS B 239 -11.84 26.05 18.86
C HIS B 239 -11.54 27.03 20.00
N ASP B 240 -12.57 27.56 20.64
CA ASP B 240 -12.38 28.51 21.74
C ASP B 240 -11.60 27.93 22.92
N GLU B 241 -11.94 26.72 23.33
CA GLU B 241 -11.25 26.09 24.45
C GLU B 241 -9.75 25.93 24.15
N VAL B 242 -9.44 25.59 22.91
CA VAL B 242 -8.05 25.41 22.50
C VAL B 242 -7.35 26.75 22.45
N VAL B 243 -8.02 27.77 21.93
CA VAL B 243 -7.43 29.11 21.86
C VAL B 243 -7.13 29.60 23.27
N LYS B 244 -7.99 29.20 24.22
CA LYS B 244 -7.84 29.58 25.62
C LYS B 244 -6.53 29.05 26.17
N VAL B 245 -6.32 27.75 26.06
CA VAL B 245 -5.09 27.13 26.54
C VAL B 245 -3.87 27.68 25.81
N VAL B 246 -4.02 27.88 24.51
CA VAL B 246 -2.92 28.40 23.69
C VAL B 246 -2.43 29.76 24.20
N ASN B 247 -3.36 30.65 24.50
CA ASN B 247 -2.97 31.97 24.99
C ASN B 247 -2.36 31.84 26.38
N GLU B 248 -2.87 30.89 27.16
CA GLU B 248 -2.34 30.64 28.50
C GLU B 248 -0.85 30.32 28.33
N VAL B 249 -0.60 29.25 27.58
CA VAL B 249 0.76 28.81 27.31
C VAL B 249 1.67 29.91 26.79
N VAL B 250 1.21 30.62 25.76
CA VAL B 250 2.01 31.67 25.17
C VAL B 250 2.29 32.83 26.13
N GLU B 251 1.35 33.08 27.06
CA GLU B 251 1.56 34.15 28.03
C GLU B 251 2.45 33.60 29.14
N GLU B 252 2.24 32.33 29.48
CA GLU B 252 3.04 31.69 30.51
C GLU B 252 4.49 31.76 30.08
N ILE B 253 4.70 32.04 28.79
CA ILE B 253 6.05 32.18 28.25
C ILE B 253 6.36 33.68 28.15
N GLY B 254 6.39 34.19 26.93
CA GLY B 254 6.68 35.59 26.73
C GLY B 254 8.17 35.83 26.86
N MET C 1 21.72 -14.02 2.53
CA MET C 1 22.12 -13.25 3.74
C MET C 1 22.54 -11.82 3.36
N ASP C 2 23.84 -11.65 3.16
CA ASP C 2 24.40 -10.36 2.78
C ASP C 2 23.85 -9.98 1.40
N ARG C 3 24.04 -10.87 0.42
CA ARG C 3 23.59 -10.67 -0.95
C ARG C 3 22.07 -10.51 -1.06
N LEU C 4 21.34 -11.45 -0.47
CA LEU C 4 19.88 -11.44 -0.49
C LEU C 4 19.28 -10.16 0.09
N ASP C 5 19.84 -9.68 1.18
CA ASP C 5 19.32 -8.48 1.83
C ASP C 5 19.65 -7.27 0.98
N PHE C 6 20.87 -7.28 0.46
CA PHE C 6 21.35 -6.22 -0.41
C PHE C 6 20.35 -6.07 -1.56
N SER C 7 20.06 -7.19 -2.21
CA SER C 7 19.14 -7.26 -3.36
C SER C 7 17.70 -6.87 -3.09
N ILE C 8 17.17 -7.27 -1.94
CA ILE C 8 15.80 -6.92 -1.58
C ILE C 8 15.70 -5.42 -1.48
N LYS C 9 16.64 -4.82 -0.75
CA LYS C 9 16.63 -3.38 -0.55
C LYS C 9 16.90 -2.59 -1.82
N LEU C 10 17.86 -3.04 -2.62
CA LEU C 10 18.20 -2.34 -3.84
C LEU C 10 17.03 -2.27 -4.80
N LEU C 11 16.33 -3.39 -4.95
CA LEU C 11 15.18 -3.45 -5.85
C LEU C 11 13.99 -2.64 -5.32
N ARG C 12 13.75 -2.72 -4.02
CA ARG C 12 12.64 -1.96 -3.47
C ARG C 12 12.90 -0.47 -3.67
N LYS C 13 14.19 -0.10 -3.70
CA LYS C 13 14.58 1.29 -3.91
C LYS C 13 14.43 1.71 -5.37
N VAL C 14 15.06 0.97 -6.29
CA VAL C 14 14.96 1.30 -7.72
C VAL C 14 13.54 1.19 -8.27
N GLY C 15 12.74 0.33 -7.66
CA GLY C 15 11.37 0.17 -8.10
C GLY C 15 10.62 1.49 -8.04
N HIS C 16 10.96 2.34 -7.08
CA HIS C 16 10.29 3.62 -6.95
C HIS C 16 10.60 4.53 -8.13
N LEU C 17 11.78 4.37 -8.73
CA LEU C 17 12.17 5.16 -9.89
C LEU C 17 11.23 4.82 -11.04
N LEU C 18 10.97 3.53 -11.22
CA LEU C 18 10.07 3.09 -12.27
C LEU C 18 8.66 3.64 -12.03
N MET C 19 8.30 3.81 -10.76
CA MET C 19 6.98 4.30 -10.38
C MET C 19 6.75 5.75 -10.79
N ILE C 20 7.83 6.46 -11.05
CA ILE C 20 7.74 7.85 -11.47
C ILE C 20 7.13 7.93 -12.87
N HIS C 21 7.64 7.12 -13.78
CA HIS C 21 7.17 7.12 -15.15
C HIS C 21 6.03 6.16 -15.41
N TRP C 22 5.80 5.21 -14.49
CA TRP C 22 4.76 4.20 -14.67
C TRP C 22 3.44 4.72 -15.19
N GLY C 23 3.15 4.44 -16.45
CA GLY C 23 1.91 4.88 -17.04
C GLY C 23 1.86 6.38 -17.26
N ARG C 24 2.88 7.09 -16.79
CA ARG C 24 2.92 8.54 -16.95
C ARG C 24 3.47 8.91 -18.33
N VAL C 25 3.84 7.91 -19.12
CA VAL C 25 4.34 8.17 -20.47
C VAL C 25 3.17 8.73 -21.27
N ASP C 26 3.32 9.94 -21.79
CA ASP C 26 2.25 10.58 -22.56
C ASP C 26 2.10 9.92 -23.92
N ASN C 27 0.93 10.07 -24.53
CA ASN C 27 0.67 9.45 -25.84
C ASN C 27 1.54 9.99 -26.97
N VAL C 28 2.21 11.12 -26.75
CA VAL C 28 3.08 11.67 -27.78
C VAL C 28 4.26 10.70 -27.96
N GLU C 29 4.54 9.95 -26.90
CA GLU C 29 5.63 8.97 -26.88
C GLU C 29 5.13 7.59 -27.34
N LYS C 30 3.95 7.20 -26.86
CA LYS C 30 3.35 5.91 -27.22
C LYS C 30 3.03 5.89 -28.71
N LYS C 31 2.79 7.08 -29.27
CA LYS C 31 2.45 7.23 -30.68
C LYS C 31 3.68 7.19 -31.58
N THR C 32 4.70 7.98 -31.23
CA THR C 32 5.95 8.05 -31.99
C THR C 32 6.83 6.80 -31.88
N GLY C 33 6.84 6.19 -30.69
CA GLY C 33 7.63 4.99 -30.43
C GLY C 33 8.11 5.06 -28.98
N PHE C 34 7.37 4.43 -28.07
CA PHE C 34 7.73 4.46 -26.66
C PHE C 34 9.00 3.67 -26.35
N LYS C 35 9.61 3.12 -27.40
CA LYS C 35 10.85 2.35 -27.28
C LYS C 35 11.94 3.19 -26.62
N ASP C 36 12.06 4.43 -27.07
CA ASP C 36 13.07 5.35 -26.54
C ASP C 36 12.97 5.58 -25.05
N ILE C 37 11.92 6.27 -24.63
CA ILE C 37 11.69 6.59 -23.22
C ILE C 37 11.84 5.37 -22.33
N VAL C 38 11.29 4.25 -22.77
CA VAL C 38 11.37 2.99 -22.04
C VAL C 38 12.82 2.62 -21.83
N THR C 39 13.65 2.87 -22.84
CA THR C 39 15.06 2.54 -22.76
C THR C 39 15.80 3.49 -21.83
N GLU C 40 15.32 4.73 -21.74
CA GLU C 40 15.95 5.70 -20.86
C GLU C 40 15.69 5.28 -19.42
N ILE C 41 14.49 4.76 -19.16
CA ILE C 41 14.09 4.30 -17.84
C ILE C 41 14.86 3.02 -17.53
N ASP C 42 14.90 2.14 -18.53
CA ASP C 42 15.61 0.87 -18.42
C ASP C 42 17.09 1.16 -18.12
N ARG C 43 17.71 2.00 -18.93
CA ARG C 43 19.11 2.36 -18.75
C ARG C 43 19.39 2.90 -17.35
N GLU C 44 18.56 3.86 -16.93
CA GLU C 44 18.72 4.49 -15.63
C GLU C 44 18.52 3.52 -14.47
N ALA C 45 17.54 2.63 -14.58
CA ALA C 45 17.32 1.68 -13.51
C ALA C 45 18.51 0.75 -13.43
N GLN C 46 19.04 0.32 -14.57
CA GLN C 46 20.18 -0.57 -14.56
C GLN C 46 21.41 0.11 -14.00
N ARG C 47 21.58 1.39 -14.35
CA ARG C 47 22.70 2.16 -13.86
C ARG C 47 22.74 2.17 -12.34
N MET C 48 21.60 2.46 -11.69
CA MET C 48 21.56 2.49 -10.24
C MET C 48 21.92 1.15 -9.61
N ILE C 49 21.45 0.07 -10.21
CA ILE C 49 21.73 -1.27 -9.70
C ILE C 49 23.20 -1.63 -9.89
N VAL C 50 23.68 -1.40 -11.11
CA VAL C 50 25.07 -1.69 -11.43
C VAL C 50 26.02 -0.91 -10.54
N ASP C 51 25.71 0.36 -10.32
CA ASP C 51 26.55 1.20 -9.47
C ASP C 51 26.66 0.62 -8.07
N GLU C 52 25.56 0.05 -7.58
CA GLU C 52 25.59 -0.52 -6.25
C GLU C 52 26.30 -1.85 -6.18
N ILE C 53 26.10 -2.69 -7.19
CA ILE C 53 26.78 -3.99 -7.18
C ILE C 53 28.30 -3.73 -7.24
N ARG C 54 28.70 -2.70 -7.96
CA ARG C 54 30.11 -2.35 -8.07
C ARG C 54 30.69 -2.00 -6.72
N LYS C 55 29.95 -1.20 -5.95
CA LYS C 55 30.40 -0.78 -4.62
C LYS C 55 30.60 -1.94 -3.65
N PHE C 56 29.66 -2.87 -3.67
CA PHE C 56 29.66 -4.01 -2.74
C PHE C 56 30.27 -5.31 -3.22
N PHE C 57 30.21 -5.59 -4.52
CA PHE C 57 30.75 -6.82 -5.08
C PHE C 57 31.55 -6.44 -6.32
N PRO C 58 32.64 -5.68 -6.13
CA PRO C 58 33.59 -5.14 -7.11
C PRO C 58 34.25 -6.11 -8.10
N ASP C 59 34.43 -7.36 -7.68
CA ASP C 59 35.08 -8.37 -8.51
C ASP C 59 34.14 -9.42 -9.09
N GLU C 60 32.86 -9.13 -9.18
CA GLU C 60 31.94 -10.10 -9.72
C GLU C 60 31.40 -9.63 -11.08
N ASN C 61 31.28 -10.57 -11.99
CA ASN C 61 30.81 -10.28 -13.34
C ASN C 61 29.34 -9.82 -13.30
N ILE C 62 29.07 -8.65 -13.85
CA ILE C 62 27.72 -8.12 -13.88
C ILE C 62 27.18 -8.16 -15.30
N MET C 63 26.18 -9.00 -15.55
CA MET C 63 25.57 -9.06 -16.87
C MET C 63 26.55 -9.33 -18.01
N ALA C 64 27.50 -10.24 -17.81
CA ALA C 64 28.43 -10.55 -18.88
C ALA C 64 29.36 -9.42 -19.36
N GLU C 65 29.63 -8.43 -18.53
CA GLU C 65 30.56 -7.38 -18.94
C GLU C 65 31.91 -8.09 -19.04
N GLU C 66 31.99 -9.25 -18.40
CA GLU C 66 33.20 -10.04 -18.39
C GLU C 66 32.93 -11.44 -18.97
N GLY C 67 32.09 -11.47 -20.00
CA GLY C 67 31.81 -12.74 -20.65
C GLY C 67 30.61 -13.54 -20.19
N ILE C 68 30.35 -14.62 -20.93
CA ILE C 68 29.25 -15.52 -20.67
C ILE C 68 29.81 -16.91 -20.49
N PHE C 69 29.78 -17.41 -19.25
CA PHE C 69 30.29 -18.74 -18.96
C PHE C 69 29.23 -19.55 -18.21
N GLU C 70 28.78 -20.63 -18.83
CA GLU C 70 27.77 -21.50 -18.24
C GLU C 70 28.29 -22.28 -17.01
N LYS C 71 29.61 -22.21 -16.79
CA LYS C 71 30.24 -22.88 -15.66
C LYS C 71 31.45 -22.09 -15.22
N GLY C 72 31.83 -22.26 -13.95
CA GLY C 72 33.01 -21.58 -13.40
C GLY C 72 32.99 -20.06 -13.33
N ASP C 73 31.81 -19.46 -13.28
CA ASP C 73 31.76 -18.01 -13.18
C ASP C 73 30.72 -17.53 -12.18
N ARG C 74 30.88 -16.28 -11.74
CA ARG C 74 29.98 -15.62 -10.79
C ARG C 74 29.32 -14.47 -11.52
N LEU C 75 28.02 -14.57 -11.73
CA LEU C 75 27.28 -13.55 -12.47
C LEU C 75 26.06 -12.97 -11.75
N TRP C 76 25.75 -11.73 -12.10
CA TRP C 76 24.59 -11.02 -11.56
C TRP C 76 23.72 -10.71 -12.77
N ILE C 77 22.46 -11.09 -12.71
CA ILE C 77 21.55 -10.83 -13.82
C ILE C 77 20.60 -9.72 -13.42
N ILE C 78 20.42 -8.76 -14.32
CA ILE C 78 19.56 -7.63 -14.05
C ILE C 78 18.50 -7.43 -15.12
N ASP C 79 17.26 -7.31 -14.68
CA ASP C 79 16.15 -7.05 -15.58
C ASP C 79 15.46 -5.84 -14.96
N PRO C 80 15.79 -4.63 -15.41
CA PRO C 80 15.21 -3.39 -14.90
C PRO C 80 13.69 -3.33 -15.03
N ILE C 81 13.17 -3.90 -16.11
CA ILE C 81 11.73 -3.94 -16.32
C ILE C 81 11.35 -5.16 -17.11
N ASP C 82 10.40 -5.90 -16.56
CA ASP C 82 9.87 -7.07 -17.23
C ASP C 82 8.38 -6.81 -17.22
N GLY C 83 7.75 -6.86 -18.40
CA GLY C 83 6.34 -6.56 -18.50
C GLY C 83 6.25 -5.13 -19.01
N THR C 84 7.22 -4.77 -19.85
CA THR C 84 7.30 -3.43 -20.40
C THR C 84 6.00 -2.89 -21.00
N ILE C 85 5.27 -3.74 -21.74
CA ILE C 85 4.02 -3.31 -22.35
C ILE C 85 3.05 -2.89 -21.27
N ASN C 86 2.91 -3.73 -20.24
CA ASN C 86 2.03 -3.45 -19.12
C ASN C 86 2.45 -2.15 -18.48
N PHE C 87 3.77 -1.98 -18.32
CA PHE C 87 4.35 -0.78 -17.72
C PHE C 87 3.91 0.46 -18.50
N VAL C 88 4.13 0.43 -19.81
CA VAL C 88 3.76 1.54 -20.67
C VAL C 88 2.27 1.84 -20.66
N HIS C 89 1.44 0.80 -20.72
CA HIS C 89 -0.02 0.97 -20.72
C HIS C 89 -0.66 1.28 -19.36
N GLY C 90 0.12 1.15 -18.28
CA GLY C 90 -0.42 1.46 -16.96
C GLY C 90 -0.90 0.28 -16.14
N LEU C 91 -0.58 -0.93 -16.58
CA LEU C 91 -0.99 -2.12 -15.84
C LEU C 91 -0.02 -2.35 -14.67
N PRO C 92 -0.54 -2.74 -13.50
CA PRO C 92 0.35 -2.96 -12.36
C PRO C 92 1.23 -4.20 -12.41
N ASN C 93 0.99 -5.07 -13.38
CA ASN C 93 1.76 -6.31 -13.52
C ASN C 93 3.07 -6.13 -14.28
N PHE C 94 4.09 -5.66 -13.56
CA PHE C 94 5.42 -5.47 -14.12
C PHE C 94 6.37 -5.57 -12.92
N SER C 95 7.63 -5.93 -13.17
CA SER C 95 8.55 -6.08 -12.07
C SER C 95 9.99 -5.83 -12.42
N ILE C 96 10.80 -5.82 -11.37
CA ILE C 96 12.23 -5.65 -11.50
C ILE C 96 12.82 -6.89 -10.81
N SER C 97 13.78 -7.53 -11.48
CA SER C 97 14.39 -8.74 -10.95
C SER C 97 15.89 -8.69 -10.95
N LEU C 98 16.48 -9.34 -9.95
CA LEU C 98 17.91 -9.41 -9.78
C LEU C 98 18.20 -10.84 -9.42
N ALA C 99 19.26 -11.41 -9.96
CA ALA C 99 19.64 -12.79 -9.66
C ALA C 99 21.15 -12.96 -9.70
N TYR C 100 21.66 -13.69 -8.71
CA TYR C 100 23.09 -13.94 -8.63
C TYR C 100 23.25 -15.40 -9.01
N VAL C 101 24.08 -15.65 -10.01
CA VAL C 101 24.29 -17.01 -10.52
C VAL C 101 25.73 -17.46 -10.40
N GLU C 102 25.93 -18.68 -9.91
CA GLU C 102 27.27 -19.21 -9.74
C GLU C 102 27.34 -20.54 -10.46
N ASN C 103 28.25 -20.66 -11.43
CA ASN C 103 28.41 -21.90 -12.16
C ASN C 103 27.13 -22.31 -12.86
N GLY C 104 26.37 -21.33 -13.35
CA GLY C 104 25.13 -21.63 -14.04
C GLY C 104 23.96 -21.89 -13.11
N GLU C 105 24.23 -21.90 -11.81
CA GLU C 105 23.21 -22.14 -10.79
C GLU C 105 22.76 -20.83 -10.16
N VAL C 106 21.45 -20.61 -10.09
CA VAL C 106 20.90 -19.40 -9.48
C VAL C 106 21.00 -19.57 -7.96
N LYS C 107 21.93 -18.85 -7.35
CA LYS C 107 22.14 -18.90 -5.91
C LYS C 107 21.07 -18.12 -5.15
N LEU C 108 20.60 -17.04 -5.76
CA LEU C 108 19.55 -16.24 -5.15
C LEU C 108 18.85 -15.40 -6.21
N GLY C 109 17.58 -15.13 -5.98
CA GLY C 109 16.80 -14.35 -6.92
C GLY C 109 15.76 -13.48 -6.22
N VAL C 110 15.53 -12.29 -6.78
CA VAL C 110 14.55 -11.38 -6.23
C VAL C 110 13.71 -10.78 -7.35
N VAL C 111 12.41 -10.84 -7.18
CA VAL C 111 11.48 -10.29 -8.16
C VAL C 111 10.69 -9.25 -7.39
N HIS C 112 10.73 -8.00 -7.86
CA HIS C 112 10.01 -6.95 -7.20
C HIS C 112 9.05 -6.21 -8.14
N ALA C 113 7.77 -6.24 -7.78
CA ALA C 113 6.73 -5.54 -8.55
C ALA C 113 6.43 -4.31 -7.73
N PRO C 114 7.00 -3.16 -8.13
CA PRO C 114 6.79 -1.89 -7.43
C PRO C 114 5.34 -1.46 -7.23
N ALA C 115 4.51 -1.60 -8.26
CA ALA C 115 3.11 -1.19 -8.19
C ALA C 115 2.23 -2.08 -7.33
N LEU C 116 2.67 -3.32 -7.10
CA LEU C 116 1.89 -4.26 -6.30
C LEU C 116 2.48 -4.41 -4.91
N ASN C 117 3.63 -3.80 -4.69
CA ASN C 117 4.31 -3.90 -3.40
C ASN C 117 4.58 -5.37 -3.08
N GLU C 118 5.01 -6.11 -4.08
CA GLU C 118 5.28 -7.52 -3.89
C GLU C 118 6.75 -7.85 -4.14
N THR C 119 7.40 -8.39 -3.11
CA THR C 119 8.79 -8.77 -3.25
C THR C 119 8.88 -10.25 -2.93
N LEU C 120 9.08 -11.03 -3.99
CA LEU C 120 9.23 -12.47 -3.85
C LEU C 120 10.73 -12.73 -3.98
N TYR C 121 11.23 -13.74 -3.26
CA TYR C 121 12.65 -14.02 -3.30
C TYR C 121 13.02 -15.35 -2.65
N ALA C 122 14.27 -15.75 -2.86
CA ALA C 122 14.79 -16.99 -2.31
C ALA C 122 16.28 -17.06 -2.50
N GLU C 123 16.94 -17.68 -1.53
CA GLU C 123 18.36 -17.88 -1.54
C GLU C 123 18.44 -19.39 -1.62
N GLU C 124 19.48 -19.94 -2.24
CA GLU C 124 19.56 -21.38 -2.34
C GLU C 124 19.76 -21.99 -0.94
N GLY C 125 18.84 -22.88 -0.57
CA GLY C 125 18.91 -23.54 0.73
C GLY C 125 18.05 -22.95 1.84
N SER C 126 17.56 -21.73 1.65
CA SER C 126 16.76 -21.05 2.68
C SER C 126 15.25 -20.99 2.43
N GLY C 127 14.79 -21.49 1.28
CA GLY C 127 13.36 -21.46 0.97
C GLY C 127 12.93 -20.14 0.36
N ALA C 128 11.71 -20.09 -0.17
CA ALA C 128 11.21 -18.85 -0.78
C ALA C 128 10.35 -18.01 0.17
N PHE C 129 10.40 -16.70 -0.03
CA PHE C 129 9.61 -15.79 0.79
C PHE C 129 8.83 -14.79 -0.06
N PHE C 130 7.92 -14.11 0.61
CA PHE C 130 7.07 -13.08 0.01
C PHE C 130 6.96 -12.02 1.10
N ASN C 131 7.68 -10.92 0.94
CA ASN C 131 7.66 -9.84 1.92
C ASN C 131 7.85 -10.30 3.37
N GLY C 132 8.80 -11.20 3.58
CA GLY C 132 9.05 -11.66 4.94
C GLY C 132 8.42 -12.97 5.34
N GLU C 133 7.29 -13.32 4.73
CA GLU C 133 6.65 -14.56 5.10
C GLU C 133 6.91 -15.66 4.07
N ARG C 134 6.89 -16.92 4.50
CA ARG C 134 7.13 -18.04 3.62
C ARG C 134 6.03 -18.36 2.61
N ILE C 135 6.45 -18.79 1.42
CA ILE C 135 5.54 -19.19 0.36
C ILE C 135 5.98 -20.55 -0.17
N ARG C 136 5.01 -21.33 -0.64
CA ARG C 136 5.25 -22.67 -1.18
C ARG C 136 4.25 -22.91 -2.29
N VAL C 137 4.64 -23.77 -3.21
CA VAL C 137 3.79 -24.10 -4.33
C VAL C 137 2.52 -24.76 -3.84
N SER C 138 1.47 -24.64 -4.64
CA SER C 138 0.17 -25.20 -4.32
C SER C 138 0.21 -26.72 -4.22
N GLU C 139 -0.92 -27.29 -3.82
CA GLU C 139 -1.05 -28.74 -3.67
C GLU C 139 -2.19 -29.27 -4.55
N ASN C 140 -2.48 -28.57 -5.64
CA ASN C 140 -3.52 -29.02 -6.56
C ASN C 140 -2.80 -30.01 -7.44
N ALA C 141 -3.22 -31.28 -7.37
CA ALA C 141 -2.56 -32.32 -8.15
C ALA C 141 -3.30 -32.83 -9.39
N SER C 142 -4.37 -32.12 -9.77
CA SER C 142 -5.16 -32.47 -10.94
C SER C 142 -5.34 -31.27 -11.87
N LEU C 143 -4.90 -31.41 -13.11
CA LEU C 143 -5.01 -30.34 -14.09
C LEU C 143 -6.38 -29.70 -14.17
N GLU C 144 -7.43 -30.49 -14.00
CA GLU C 144 -8.78 -29.94 -14.08
C GLU C 144 -9.16 -29.02 -12.92
N GLU C 145 -8.30 -28.93 -11.92
CA GLU C 145 -8.55 -28.06 -10.77
C GLU C 145 -7.42 -27.05 -10.60
N CYS C 146 -6.66 -26.85 -11.67
CA CYS C 146 -5.53 -25.93 -11.66
C CYS C 146 -5.78 -24.67 -12.45
N VAL C 147 -5.01 -23.64 -12.11
CA VAL C 147 -5.08 -22.39 -12.82
C VAL C 147 -3.70 -22.29 -13.44
N GLY C 148 -3.67 -22.26 -14.76
CA GLY C 148 -2.40 -22.17 -15.45
C GLY C 148 -2.16 -20.77 -15.99
N SER C 149 -0.99 -20.58 -16.60
CA SER C 149 -0.66 -19.29 -17.15
C SER C 149 0.38 -19.44 -18.24
N THR C 150 0.38 -18.50 -19.17
CA THR C 150 1.32 -18.48 -20.27
C THR C 150 1.43 -17.01 -20.69
N GLY C 151 2.25 -16.74 -21.70
CA GLY C 151 2.39 -15.35 -22.15
C GLY C 151 1.63 -15.11 -23.44
N SER C 152 1.49 -13.85 -23.83
CA SER C 152 0.79 -13.54 -25.08
C SER C 152 1.78 -13.73 -26.22
N TYR C 153 2.01 -15.00 -26.58
CA TYR C 153 2.93 -15.38 -27.64
C TYR C 153 2.19 -15.80 -28.93
N VAL C 154 2.72 -15.38 -30.08
CA VAL C 154 2.10 -15.71 -31.36
C VAL C 154 2.27 -17.20 -31.66
N ASP C 155 1.26 -17.80 -32.28
CA ASP C 155 1.23 -19.22 -32.62
C ASP C 155 0.92 -20.06 -31.39
N PHE C 156 1.88 -20.09 -30.47
CA PHE C 156 1.80 -20.85 -29.23
C PHE C 156 0.59 -20.65 -28.32
N THR C 157 0.37 -19.40 -27.90
CA THR C 157 -0.71 -19.07 -26.98
C THR C 157 -2.12 -19.48 -27.38
N GLY C 158 -2.49 -19.20 -28.63
CA GLY C 158 -3.83 -19.57 -29.07
C GLY C 158 -4.07 -21.07 -28.85
N LYS C 159 -3.11 -21.88 -29.31
CA LYS C 159 -3.20 -23.33 -29.19
C LYS C 159 -3.09 -23.85 -27.76
N PHE C 160 -2.08 -23.37 -27.03
CA PHE C 160 -1.90 -23.80 -25.65
C PHE C 160 -3.22 -23.70 -24.91
N ILE C 161 -3.93 -22.61 -25.13
CA ILE C 161 -5.23 -22.37 -24.50
C ILE C 161 -6.29 -23.29 -25.07
N GLU C 162 -6.26 -23.51 -26.38
CA GLU C 162 -7.21 -24.40 -27.01
C GLU C 162 -7.19 -25.68 -26.16
N ARG C 163 -6.02 -26.29 -26.09
CA ARG C 163 -5.80 -27.52 -25.33
C ARG C 163 -6.25 -27.38 -23.88
N MET C 164 -5.46 -26.65 -23.09
CA MET C 164 -5.74 -26.45 -21.68
C MET C 164 -7.21 -26.16 -21.38
N GLU C 165 -7.86 -25.44 -22.29
CA GLU C 165 -9.25 -25.04 -22.17
C GLU C 165 -10.19 -25.96 -21.39
N LYS C 166 -10.29 -27.22 -21.82
CA LYS C 166 -11.14 -28.21 -21.16
C LYS C 166 -10.42 -29.05 -20.11
N ARG C 167 -9.10 -29.14 -20.24
CA ARG C 167 -8.28 -29.91 -19.32
C ARG C 167 -8.02 -29.18 -18.01
N THR C 168 -8.18 -27.87 -18.02
CA THR C 168 -7.90 -27.06 -16.84
C THR C 168 -8.95 -26.01 -16.51
N ARG C 169 -9.00 -25.65 -15.23
CA ARG C 169 -9.94 -24.66 -14.70
C ARG C 169 -9.88 -23.34 -15.48
N ARG C 170 -8.83 -22.57 -15.25
CA ARG C 170 -8.65 -21.29 -15.92
C ARG C 170 -7.21 -21.09 -16.39
N ILE C 171 -7.04 -20.31 -17.44
CA ILE C 171 -5.71 -19.99 -17.96
C ILE C 171 -5.63 -18.48 -17.87
N ARG C 172 -4.54 -17.98 -17.31
CA ARG C 172 -4.36 -16.55 -17.18
C ARG C 172 -3.15 -16.08 -17.97
N ILE C 173 -3.25 -14.87 -18.50
CA ILE C 173 -2.16 -14.23 -19.23
C ILE C 173 -1.99 -12.88 -18.53
N LEU C 174 -0.96 -12.77 -17.69
CA LEU C 174 -0.70 -11.56 -16.92
C LEU C 174 0.15 -10.54 -17.65
N GLY C 175 1.07 -11.03 -18.48
CA GLY C 175 1.94 -10.15 -19.22
C GLY C 175 3.16 -9.76 -18.42
N SER C 176 3.65 -10.70 -17.62
CA SER C 176 4.82 -10.47 -16.77
C SER C 176 5.46 -11.81 -16.36
N ALA C 177 6.32 -12.35 -17.22
CA ALA C 177 6.99 -13.64 -17.00
C ALA C 177 7.62 -13.88 -15.61
N ALA C 178 8.56 -13.02 -15.22
CA ALA C 178 9.24 -13.14 -13.92
C ALA C 178 8.25 -13.12 -12.76
N LEU C 179 7.34 -12.16 -12.77
CA LEU C 179 6.34 -12.06 -11.72
C LEU C 179 5.48 -13.31 -11.75
N ASN C 180 5.13 -13.72 -12.97
CA ASN C 180 4.30 -14.87 -13.22
C ASN C 180 5.01 -16.14 -12.75
N ALA C 181 6.31 -16.26 -13.03
CA ALA C 181 7.06 -17.44 -12.59
C ALA C 181 7.02 -17.48 -11.07
N ALA C 182 7.38 -16.36 -10.45
CA ALA C 182 7.39 -16.24 -9.00
C ALA C 182 6.02 -16.60 -8.42
N TYR C 183 4.95 -16.18 -9.08
CA TYR C 183 3.60 -16.48 -8.61
C TYR C 183 3.36 -17.98 -8.51
N VAL C 184 4.20 -18.77 -9.16
CA VAL C 184 4.06 -20.21 -9.08
C VAL C 184 4.62 -20.66 -7.71
N GLY C 185 5.78 -20.14 -7.33
CA GLY C 185 6.37 -20.49 -6.04
C GLY C 185 5.50 -19.96 -4.89
N ALA C 186 4.67 -18.97 -5.19
CA ALA C 186 3.78 -18.40 -4.20
C ALA C 186 2.46 -19.18 -4.16
N GLY C 187 2.27 -20.10 -5.12
CA GLY C 187 1.06 -20.90 -5.17
C GLY C 187 -0.16 -20.14 -5.63
N ARG C 188 0.04 -19.06 -6.39
CA ARG C 188 -1.08 -18.26 -6.90
C ARG C 188 -1.57 -18.85 -8.22
N VAL C 189 -0.67 -19.52 -8.92
CA VAL C 189 -0.98 -20.23 -10.15
C VAL C 189 -0.25 -21.55 -9.98
N ASP C 190 -0.72 -22.58 -10.68
CA ASP C 190 -0.15 -23.91 -10.54
C ASP C 190 0.95 -24.22 -11.53
N PHE C 191 0.94 -23.51 -12.65
CA PHE C 191 1.97 -23.72 -13.66
C PHE C 191 2.05 -22.54 -14.60
N PHE C 192 3.27 -22.27 -15.09
CA PHE C 192 3.54 -21.18 -16.00
C PHE C 192 4.42 -21.71 -17.12
N VAL C 193 4.08 -21.39 -18.36
CA VAL C 193 4.84 -21.85 -19.50
C VAL C 193 5.38 -20.68 -20.33
N THR C 194 6.64 -20.77 -20.75
CA THR C 194 7.23 -19.70 -21.55
C THR C 194 7.71 -20.17 -22.92
N TRP C 195 7.37 -19.38 -23.92
CA TRP C 195 7.73 -19.65 -25.30
C TRP C 195 8.72 -18.61 -25.80
N ARG C 196 9.89 -19.07 -26.22
CA ARG C 196 10.92 -18.18 -26.76
C ARG C 196 11.17 -16.89 -25.97
N ILE C 197 11.84 -17.03 -24.84
CA ILE C 197 12.16 -15.88 -24.00
C ILE C 197 13.63 -15.87 -23.56
N ASN C 198 14.06 -14.74 -23.01
CA ASN C 198 15.42 -14.59 -22.52
C ASN C 198 15.46 -15.30 -21.17
N PRO C 199 16.30 -16.35 -21.06
CA PRO C 199 16.39 -17.10 -19.80
C PRO C 199 16.70 -16.20 -18.61
N TRP C 200 17.58 -15.23 -18.81
CA TRP C 200 17.94 -14.32 -17.75
C TRP C 200 16.76 -13.49 -17.26
N ASP C 201 15.67 -13.46 -18.03
CA ASP C 201 14.50 -12.71 -17.62
C ASP C 201 13.70 -13.44 -16.55
N ILE C 202 13.90 -14.74 -16.44
CA ILE C 202 13.18 -15.52 -15.43
C ILE C 202 14.09 -16.35 -14.50
N ALA C 203 15.38 -16.01 -14.46
CA ALA C 203 16.31 -16.72 -13.60
C ALA C 203 15.91 -16.57 -12.12
N ALA C 204 15.54 -15.36 -11.73
CA ALA C 204 15.14 -15.11 -10.36
C ALA C 204 13.96 -16.00 -10.01
N GLY C 205 13.00 -16.06 -10.93
CA GLY C 205 11.81 -16.87 -10.70
C GLY C 205 12.16 -18.33 -10.63
N LEU C 206 13.24 -18.69 -11.30
CA LEU C 206 13.67 -20.07 -11.32
C LEU C 206 13.92 -20.54 -9.89
N ILE C 207 14.85 -19.88 -9.21
CA ILE C 207 15.21 -20.22 -7.83
C ILE C 207 14.01 -20.09 -6.90
N ILE C 208 13.15 -19.11 -7.16
CA ILE C 208 11.99 -18.91 -6.33
C ILE C 208 11.08 -20.13 -6.37
N VAL C 209 10.78 -20.60 -7.58
CA VAL C 209 9.92 -21.77 -7.74
C VAL C 209 10.51 -23.05 -7.12
N LYS C 210 11.80 -23.30 -7.31
CA LYS C 210 12.44 -24.50 -6.77
C LYS C 210 12.46 -24.47 -5.26
N GLU C 211 12.88 -23.35 -4.67
CA GLU C 211 12.92 -23.23 -3.22
C GLU C 211 11.53 -23.27 -2.60
N ALA C 212 10.50 -22.96 -3.39
CA ALA C 212 9.12 -23.00 -2.91
C ALA C 212 8.59 -24.44 -2.96
N GLY C 213 9.39 -25.35 -3.48
CA GLY C 213 8.99 -26.75 -3.55
C GLY C 213 8.56 -27.24 -4.91
N GLY C 214 8.49 -26.34 -5.88
CA GLY C 214 8.06 -26.73 -7.21
C GLY C 214 9.22 -27.20 -8.06
N MET C 215 8.99 -27.34 -9.35
CA MET C 215 10.06 -27.76 -10.24
C MET C 215 10.05 -26.95 -11.54
N VAL C 216 11.21 -26.85 -12.17
CA VAL C 216 11.34 -26.09 -13.40
C VAL C 216 12.20 -26.86 -14.39
N THR C 217 11.61 -27.24 -15.51
CA THR C 217 12.34 -27.97 -16.53
C THR C 217 12.15 -27.28 -17.87
N ASP C 218 12.94 -27.70 -18.87
CA ASP C 218 12.79 -27.14 -20.20
C ASP C 218 11.70 -27.98 -20.86
N PHE C 219 11.43 -27.78 -22.15
CA PHE C 219 10.39 -28.55 -22.82
C PHE C 219 10.68 -30.03 -22.93
N SER C 220 11.96 -30.39 -22.95
CA SER C 220 12.37 -31.78 -23.05
C SER C 220 12.28 -32.46 -21.69
N GLY C 221 11.83 -31.71 -20.68
CA GLY C 221 11.69 -32.29 -19.36
C GLY C 221 12.94 -32.28 -18.49
N LYS C 222 14.02 -31.67 -18.94
CA LYS C 222 15.25 -31.62 -18.14
C LYS C 222 15.20 -30.44 -17.19
N GLU C 223 15.68 -30.65 -15.96
CA GLU C 223 15.68 -29.59 -14.98
C GLU C 223 16.30 -28.40 -15.66
N ALA C 224 15.73 -27.22 -15.44
CA ALA C 224 16.20 -26.01 -16.08
C ALA C 224 17.19 -25.18 -15.26
N ASN C 225 17.96 -24.34 -15.97
CA ASN C 225 18.94 -23.46 -15.35
C ASN C 225 18.84 -22.08 -16.03
N ALA C 226 19.75 -21.18 -15.67
CA ALA C 226 19.77 -19.83 -16.22
C ALA C 226 20.12 -19.71 -17.71
N PHE C 227 20.37 -20.84 -18.37
CA PHE C 227 20.74 -20.85 -19.79
C PHE C 227 19.87 -21.78 -20.60
N SER C 228 18.84 -22.33 -19.98
CA SER C 228 17.95 -23.23 -20.71
C SER C 228 17.31 -22.49 -21.87
N LYS C 229 16.79 -23.24 -22.83
CA LYS C 229 16.16 -22.66 -24.00
C LYS C 229 14.66 -22.51 -23.89
N ASN C 230 14.05 -23.17 -22.90
CA ASN C 230 12.61 -23.09 -22.73
C ASN C 230 12.24 -23.35 -21.28
N PHE C 231 11.04 -22.94 -20.86
CA PHE C 231 10.67 -23.10 -19.46
C PHE C 231 9.22 -23.47 -19.13
N ILE C 232 9.08 -24.35 -18.14
CA ILE C 232 7.78 -24.79 -17.63
C ILE C 232 7.94 -24.82 -16.10
N PHE C 233 7.26 -23.92 -15.40
CA PHE C 233 7.28 -23.84 -13.92
C PHE C 233 5.97 -24.42 -13.37
N SER C 234 6.05 -25.28 -12.35
CA SER C 234 4.83 -25.86 -11.77
C SER C 234 4.98 -26.20 -10.30
N ASN C 235 3.90 -26.69 -9.70
CA ASN C 235 3.94 -27.09 -8.28
C ASN C 235 4.56 -28.48 -8.14
N GLY C 236 5.11 -28.99 -9.25
CA GLY C 236 5.75 -30.30 -9.24
C GLY C 236 4.79 -31.49 -9.21
N LEU C 237 3.50 -31.20 -8.99
CA LEU C 237 2.49 -32.24 -8.91
C LEU C 237 1.86 -32.62 -10.27
N ILE C 238 1.63 -31.63 -11.13
CA ILE C 238 1.05 -31.86 -12.45
C ILE C 238 2.03 -31.42 -13.54
N HIS C 239 3.33 -31.52 -13.25
CA HIS C 239 4.36 -31.09 -14.19
C HIS C 239 4.47 -31.93 -15.46
N ASP C 240 4.37 -33.25 -15.31
CA ASP C 240 4.48 -34.13 -16.46
C ASP C 240 3.37 -33.90 -17.49
N GLU C 241 2.14 -33.70 -17.00
CA GLU C 241 0.99 -33.46 -17.88
C GLU C 241 1.12 -32.18 -18.70
N VAL C 242 1.68 -31.13 -18.11
CA VAL C 242 1.86 -29.85 -18.81
C VAL C 242 2.92 -29.99 -19.89
N VAL C 243 4.01 -30.68 -19.56
CA VAL C 243 5.12 -30.92 -20.48
C VAL C 243 4.58 -31.65 -21.71
N LYS C 244 3.65 -32.56 -21.46
CA LYS C 244 2.99 -33.34 -22.51
C LYS C 244 2.25 -32.40 -23.47
N VAL C 245 1.29 -31.64 -22.95
CA VAL C 245 0.50 -30.71 -23.76
C VAL C 245 1.42 -29.69 -24.44
N VAL C 246 2.40 -29.18 -23.69
CA VAL C 246 3.33 -28.19 -24.24
C VAL C 246 4.00 -28.74 -25.49
N ASN C 247 4.50 -29.96 -25.39
CA ASN C 247 5.16 -30.59 -26.52
C ASN C 247 4.17 -30.85 -27.63
N GLU C 248 2.94 -31.23 -27.28
CA GLU C 248 1.92 -31.46 -28.29
C GLU C 248 1.70 -30.18 -29.06
N VAL C 249 1.63 -29.07 -28.34
CA VAL C 249 1.44 -27.78 -29.00
C VAL C 249 2.63 -27.46 -29.88
N VAL C 250 3.83 -27.76 -29.39
CA VAL C 250 5.02 -27.49 -30.18
C VAL C 250 5.03 -28.32 -31.47
N GLU C 251 4.50 -29.54 -31.41
CA GLU C 251 4.45 -30.41 -32.59
C GLU C 251 3.60 -29.71 -33.63
N GLU C 252 2.36 -29.42 -33.23
CA GLU C 252 1.40 -28.76 -34.09
C GLU C 252 1.99 -27.55 -34.78
N ILE C 253 2.68 -26.68 -34.03
CA ILE C 253 3.29 -25.49 -34.63
C ILE C 253 4.49 -25.93 -35.46
N GLY C 254 5.69 -25.55 -35.01
CA GLY C 254 6.89 -25.91 -35.74
C GLY C 254 7.91 -26.65 -34.89
N MET D 1 -20.61 12.37 -4.73
CA MET D 1 -21.83 12.84 -4.00
C MET D 1 -22.35 11.80 -3.01
N ASP D 2 -23.46 12.13 -2.35
CA ASP D 2 -24.09 11.27 -1.35
C ASP D 2 -24.00 9.76 -1.64
N ARG D 3 -24.61 9.32 -2.74
CA ARG D 3 -24.63 7.89 -3.14
C ARG D 3 -23.26 7.35 -3.59
N LEU D 4 -22.51 8.15 -4.34
CA LEU D 4 -21.20 7.75 -4.83
C LEU D 4 -20.18 7.73 -3.69
N ASP D 5 -20.20 8.75 -2.84
CA ASP D 5 -19.26 8.79 -1.73
C ASP D 5 -19.58 7.66 -0.77
N PHE D 6 -20.85 7.37 -0.58
CA PHE D 6 -21.27 6.30 0.33
C PHE D 6 -20.86 4.94 -0.22
N SER D 7 -20.92 4.78 -1.54
CA SER D 7 -20.56 3.52 -2.18
C SER D 7 -19.05 3.29 -2.14
N ILE D 8 -18.28 4.34 -2.44
CA ILE D 8 -16.83 4.25 -2.44
C ILE D 8 -16.38 3.77 -1.05
N LYS D 9 -16.82 4.51 -0.04
CA LYS D 9 -16.50 4.19 1.35
C LYS D 9 -16.99 2.79 1.72
N LEU D 10 -18.20 2.44 1.32
CA LEU D 10 -18.74 1.13 1.63
C LEU D 10 -17.92 -0.02 1.06
N LEU D 11 -17.51 0.11 -0.20
CA LEU D 11 -16.72 -0.95 -0.83
C LEU D 11 -15.32 -1.03 -0.21
N ARG D 12 -14.75 0.11 0.16
CA ARG D 12 -13.42 0.10 0.75
C ARG D 12 -13.41 -0.59 2.10
N LYS D 13 -14.53 -0.46 2.82
CA LYS D 13 -14.73 -1.06 4.14
C LYS D 13 -14.83 -2.60 4.02
N VAL D 14 -15.79 -3.06 3.22
CA VAL D 14 -16.00 -4.48 3.02
C VAL D 14 -14.77 -5.16 2.42
N GLY D 15 -14.01 -4.41 1.62
CA GLY D 15 -12.81 -4.94 1.00
C GLY D 15 -11.83 -5.58 1.96
N HIS D 16 -11.71 -5.03 3.16
CA HIS D 16 -10.80 -5.59 4.14
C HIS D 16 -11.33 -6.92 4.65
N LEU D 17 -12.64 -7.10 4.58
CA LEU D 17 -13.24 -8.35 5.02
C LEU D 17 -12.76 -9.41 4.04
N LEU D 18 -12.77 -9.06 2.76
CA LEU D 18 -12.32 -9.99 1.76
C LEU D 18 -10.85 -10.30 1.95
N MET D 19 -10.06 -9.28 2.23
CA MET D 19 -8.62 -9.45 2.43
C MET D 19 -8.28 -10.46 3.54
N ILE D 20 -9.07 -10.47 4.61
CA ILE D 20 -8.84 -11.41 5.70
C ILE D 20 -8.69 -12.82 5.17
N HIS D 21 -9.51 -13.18 4.19
CA HIS D 21 -9.53 -14.53 3.63
C HIS D 21 -8.90 -14.70 2.25
N TRP D 22 -8.42 -13.61 1.66
CA TRP D 22 -7.80 -13.66 0.34
C TRP D 22 -6.64 -14.66 0.32
N GLY D 23 -6.76 -15.66 -0.56
CA GLY D 23 -5.73 -16.68 -0.68
C GLY D 23 -5.68 -17.59 0.54
N ARG D 24 -6.62 -17.39 1.46
CA ARG D 24 -6.69 -18.17 2.69
C ARG D 24 -7.86 -19.15 2.73
N VAL D 25 -7.74 -20.21 1.95
CA VAL D 25 -8.73 -21.28 1.88
C VAL D 25 -7.89 -22.51 1.60
N ASP D 26 -6.73 -22.55 2.25
CA ASP D 26 -5.73 -23.61 2.11
C ASP D 26 -6.27 -25.05 2.07
N ASN D 27 -5.37 -25.98 1.74
CA ASN D 27 -5.70 -27.40 1.61
C ASN D 27 -6.33 -28.07 2.83
N VAL D 28 -6.05 -27.57 4.04
CA VAL D 28 -6.61 -28.16 5.25
C VAL D 28 -8.11 -27.94 5.35
N GLU D 29 -8.59 -26.84 4.77
CA GLU D 29 -10.01 -26.51 4.76
C GLU D 29 -10.48 -26.43 3.32
N LYS D 30 -9.71 -27.07 2.45
CA LYS D 30 -10.00 -27.15 1.01
C LYS D 30 -10.50 -28.58 0.79
N LYS D 31 -10.14 -29.44 1.74
CA LYS D 31 -10.55 -30.84 1.71
C LYS D 31 -11.79 -30.97 2.60
N THR D 32 -12.32 -29.82 3.00
CA THR D 32 -13.52 -29.74 3.85
C THR D 32 -14.52 -28.72 3.29
N GLY D 33 -14.72 -28.76 1.96
CA GLY D 33 -15.65 -27.85 1.31
C GLY D 33 -15.16 -26.42 1.24
N PHE D 34 -14.35 -26.10 0.24
CA PHE D 34 -13.83 -24.74 0.12
C PHE D 34 -14.75 -23.83 -0.68
N LYS D 35 -15.55 -24.40 -1.58
CA LYS D 35 -16.47 -23.60 -2.37
C LYS D 35 -17.56 -23.10 -1.45
N ASP D 36 -17.63 -23.70 -0.26
CA ASP D 36 -18.61 -23.29 0.73
C ASP D 36 -18.06 -22.16 1.57
N ILE D 37 -16.77 -22.22 1.88
CA ILE D 37 -16.18 -21.16 2.69
C ILE D 37 -16.17 -19.85 1.90
N VAL D 38 -16.03 -19.96 0.58
CA VAL D 38 -16.01 -18.77 -0.29
C VAL D 38 -17.43 -18.21 -0.41
N THR D 39 -18.41 -19.05 -0.10
CA THR D 39 -19.83 -18.65 -0.16
C THR D 39 -20.18 -17.96 1.15
N GLU D 40 -19.39 -18.21 2.18
CA GLU D 40 -19.62 -17.59 3.47
C GLU D 40 -19.07 -16.18 3.37
N ILE D 41 -17.89 -16.05 2.79
CA ILE D 41 -17.25 -14.75 2.63
C ILE D 41 -18.17 -13.86 1.79
N ASP D 42 -18.67 -14.44 0.71
CA ASP D 42 -19.55 -13.73 -0.21
C ASP D 42 -20.81 -13.25 0.51
N ARG D 43 -21.52 -14.17 1.16
CA ARG D 43 -22.75 -13.84 1.88
C ARG D 43 -22.50 -12.85 3.00
N GLU D 44 -21.38 -12.99 3.68
CA GLU D 44 -21.05 -12.09 4.78
C GLU D 44 -20.80 -10.68 4.24
N ALA D 45 -20.05 -10.61 3.14
CA ALA D 45 -19.75 -9.33 2.50
C ALA D 45 -21.02 -8.70 1.95
N GLN D 46 -21.84 -9.54 1.32
CA GLN D 46 -23.10 -9.12 0.74
C GLN D 46 -24.00 -8.57 1.86
N ARG D 47 -23.94 -9.23 3.02
CA ARG D 47 -24.72 -8.84 4.18
C ARG D 47 -24.33 -7.45 4.66
N MET D 48 -23.03 -7.18 4.76
CA MET D 48 -22.55 -5.88 5.21
C MET D 48 -22.97 -4.76 4.26
N ILE D 49 -22.80 -5.00 2.97
CA ILE D 49 -23.17 -4.01 1.96
C ILE D 49 -24.68 -3.79 2.04
N VAL D 50 -25.43 -4.87 2.07
CA VAL D 50 -26.89 -4.80 2.14
C VAL D 50 -27.40 -4.03 3.35
N ASP D 51 -26.85 -4.34 4.52
CA ASP D 51 -27.28 -3.68 5.75
C ASP D 51 -27.05 -2.17 5.74
N GLU D 52 -25.89 -1.74 5.25
CA GLU D 52 -25.58 -0.32 5.22
C GLU D 52 -26.51 0.42 4.26
N ILE D 53 -26.79 -0.20 3.11
CA ILE D 53 -27.67 0.42 2.13
C ILE D 53 -29.06 0.59 2.74
N ARG D 54 -29.58 -0.49 3.31
CA ARG D 54 -30.90 -0.45 3.93
C ARG D 54 -30.95 0.58 5.05
N LYS D 55 -29.85 0.75 5.76
CA LYS D 55 -29.76 1.68 6.87
C LYS D 55 -29.74 3.15 6.40
N PHE D 56 -29.29 3.42 5.17
CA PHE D 56 -29.22 4.79 4.66
C PHE D 56 -30.18 5.11 3.53
N PHE D 57 -30.59 4.08 2.80
CA PHE D 57 -31.51 4.21 1.68
C PHE D 57 -32.46 3.03 1.89
N PRO D 58 -33.30 3.13 2.93
CA PRO D 58 -34.29 2.15 3.37
C PRO D 58 -35.23 1.54 2.34
N ASP D 59 -36.11 2.35 1.78
CA ASP D 59 -37.08 1.84 0.83
C ASP D 59 -36.60 1.80 -0.61
N GLU D 60 -35.41 1.26 -0.80
CA GLU D 60 -34.85 1.16 -2.14
C GLU D 60 -34.53 -0.30 -2.40
N ASN D 61 -34.67 -0.74 -3.64
CA ASN D 61 -34.42 -2.13 -4.00
C ASN D 61 -32.96 -2.50 -4.00
N ILE D 62 -32.68 -3.77 -3.74
CA ILE D 62 -31.32 -4.29 -3.70
C ILE D 62 -31.26 -5.64 -4.40
N MET D 63 -30.75 -5.65 -5.62
CA MET D 63 -30.63 -6.89 -6.36
C MET D 63 -29.20 -7.42 -6.20
N ALA D 64 -28.91 -8.06 -5.08
CA ALA D 64 -27.58 -8.59 -4.85
C ALA D 64 -27.31 -9.63 -5.92
N GLU D 65 -26.03 -9.85 -6.23
CA GLU D 65 -25.67 -10.83 -7.25
C GLU D 65 -26.33 -12.16 -6.90
N GLU D 66 -26.00 -12.70 -5.74
CA GLU D 66 -26.57 -13.96 -5.28
C GLU D 66 -27.78 -13.67 -4.40
N GLY D 67 -28.60 -12.72 -4.84
CA GLY D 67 -29.79 -12.35 -4.11
C GLY D 67 -31.01 -12.62 -4.95
N ILE D 68 -31.95 -11.68 -4.95
CA ILE D 68 -33.17 -11.82 -5.73
C ILE D 68 -33.23 -10.84 -6.90
N PHE D 69 -34.20 -11.07 -7.79
CA PHE D 69 -34.39 -10.22 -8.96
C PHE D 69 -35.49 -9.18 -8.75
N GLU D 70 -35.28 -8.30 -7.78
CA GLU D 70 -36.25 -7.26 -7.48
C GLU D 70 -36.36 -6.31 -8.65
N LYS D 71 -37.43 -5.51 -8.64
CA LYS D 71 -37.66 -4.53 -9.69
C LYS D 71 -38.19 -3.25 -9.06
N GLY D 72 -37.77 -2.11 -9.58
CA GLY D 72 -38.23 -0.84 -9.03
C GLY D 72 -37.52 0.37 -9.59
N ASP D 73 -37.90 1.54 -9.10
CA ASP D 73 -37.29 2.79 -9.54
C ASP D 73 -35.82 2.84 -9.16
N ARG D 74 -35.57 2.88 -7.85
CA ARG D 74 -34.23 2.94 -7.31
C ARG D 74 -33.73 1.54 -6.99
N LEU D 75 -32.61 1.18 -7.60
CA LEU D 75 -32.05 -0.15 -7.41
C LEU D 75 -30.52 -0.17 -7.27
N TRP D 76 -30.02 -0.96 -6.32
CA TRP D 76 -28.59 -1.12 -6.07
C TRP D 76 -28.13 -2.52 -6.53
N ILE D 77 -27.19 -2.56 -7.47
CA ILE D 77 -26.67 -3.83 -7.98
C ILE D 77 -25.32 -4.12 -7.35
N ILE D 78 -25.27 -5.18 -6.56
CA ILE D 78 -24.06 -5.55 -5.86
C ILE D 78 -23.45 -6.85 -6.33
N ASP D 79 -22.13 -6.96 -6.18
CA ASP D 79 -21.38 -8.16 -6.50
C ASP D 79 -20.24 -8.19 -5.48
N PRO D 80 -20.39 -9.01 -4.44
CA PRO D 80 -19.39 -9.15 -3.37
C PRO D 80 -18.02 -9.52 -3.93
N ILE D 81 -17.98 -10.55 -4.76
CA ILE D 81 -16.70 -10.97 -5.31
C ILE D 81 -16.78 -11.27 -6.78
N ASP D 82 -16.13 -10.43 -7.57
CA ASP D 82 -16.05 -10.65 -8.99
C ASP D 82 -14.60 -11.09 -9.16
N GLY D 83 -14.41 -12.27 -9.73
CA GLY D 83 -13.07 -12.80 -9.91
C GLY D 83 -12.84 -13.81 -8.81
N THR D 84 -13.87 -14.59 -8.49
CA THR D 84 -13.80 -15.60 -7.43
C THR D 84 -12.65 -16.61 -7.56
N ILE D 85 -12.35 -17.05 -8.78
CA ILE D 85 -11.26 -18.00 -8.99
C ILE D 85 -9.91 -17.42 -8.58
N ASN D 86 -9.66 -16.17 -8.99
CA ASN D 86 -8.42 -15.51 -8.62
C ASN D 86 -8.41 -15.36 -7.11
N PHE D 87 -9.52 -14.91 -6.55
CA PHE D 87 -9.62 -14.72 -5.11
C PHE D 87 -9.21 -16.00 -4.38
N VAL D 88 -9.81 -17.13 -4.75
CA VAL D 88 -9.49 -18.40 -4.11
C VAL D 88 -8.03 -18.81 -4.25
N HIS D 89 -7.44 -18.53 -5.41
CA HIS D 89 -6.04 -18.88 -5.67
C HIS D 89 -4.99 -17.91 -5.15
N GLY D 90 -5.42 -16.76 -4.65
CA GLY D 90 -4.47 -15.80 -4.13
C GLY D 90 -4.10 -14.70 -5.12
N LEU D 91 -4.69 -14.72 -6.31
CA LEU D 91 -4.38 -13.70 -7.29
C LEU D 91 -5.04 -12.40 -6.82
N PRO D 92 -4.37 -11.26 -7.04
CA PRO D 92 -4.86 -9.94 -6.63
C PRO D 92 -5.97 -9.36 -7.47
N ASN D 93 -6.12 -9.87 -8.69
CA ASN D 93 -7.16 -9.39 -9.58
C ASN D 93 -8.56 -9.91 -9.29
N PHE D 94 -9.21 -9.29 -8.29
CA PHE D 94 -10.58 -9.59 -7.92
C PHE D 94 -11.17 -8.27 -7.42
N SER D 95 -12.49 -8.13 -7.52
CA SER D 95 -13.10 -6.85 -7.12
C SER D 95 -14.50 -6.93 -6.50
N ILE D 96 -14.93 -5.78 -6.00
CA ILE D 96 -16.26 -5.63 -5.42
C ILE D 96 -16.86 -4.53 -6.29
N SER D 97 -18.01 -4.80 -6.90
CA SER D 97 -18.64 -3.81 -7.75
C SER D 97 -20.02 -3.44 -7.24
N LEU D 98 -20.36 -2.16 -7.37
CA LEU D 98 -21.65 -1.68 -6.95
C LEU D 98 -22.14 -0.63 -7.93
N ALA D 99 -23.34 -0.85 -8.45
CA ALA D 99 -23.92 0.11 -9.38
C ALA D 99 -25.30 0.48 -8.84
N TYR D 100 -25.65 1.75 -8.95
CA TYR D 100 -26.95 2.22 -8.49
C TYR D 100 -27.74 2.61 -9.73
N VAL D 101 -28.92 2.02 -9.89
CA VAL D 101 -29.76 2.30 -11.04
C VAL D 101 -31.07 2.99 -10.69
N GLU D 102 -31.41 4.01 -11.46
CA GLU D 102 -32.62 4.77 -11.21
C GLU D 102 -33.34 5.08 -12.51
N ASN D 103 -34.63 4.74 -12.58
CA ASN D 103 -35.42 4.99 -13.78
C ASN D 103 -34.94 4.06 -14.89
N GLY D 104 -34.23 3.01 -14.50
CA GLY D 104 -33.74 2.05 -15.47
C GLY D 104 -32.36 2.35 -16.03
N GLU D 105 -31.76 3.46 -15.61
CA GLU D 105 -30.43 3.80 -16.10
C GLU D 105 -29.42 3.88 -14.96
N VAL D 106 -28.26 3.27 -15.18
CA VAL D 106 -27.20 3.27 -14.19
C VAL D 106 -26.70 4.69 -13.94
N LYS D 107 -26.87 5.16 -12.72
CA LYS D 107 -26.46 6.52 -12.35
C LYS D 107 -25.04 6.67 -11.81
N LEU D 108 -24.49 5.60 -11.24
CA LEU D 108 -23.15 5.65 -10.68
C LEU D 108 -22.59 4.24 -10.61
N GLY D 109 -21.27 4.14 -10.65
CA GLY D 109 -20.63 2.85 -10.60
C GLY D 109 -19.31 2.88 -9.87
N VAL D 110 -19.04 1.84 -9.10
CA VAL D 110 -17.81 1.70 -8.34
C VAL D 110 -17.27 0.29 -8.45
N VAL D 111 -15.97 0.19 -8.71
CA VAL D 111 -15.29 -1.09 -8.79
C VAL D 111 -14.09 -0.97 -7.86
N HIS D 112 -14.05 -1.83 -6.84
CA HIS D 112 -12.96 -1.77 -5.88
C HIS D 112 -12.13 -3.04 -5.75
N ALA D 113 -10.85 -2.95 -6.09
CA ALA D 113 -9.97 -4.11 -5.98
C ALA D 113 -9.29 -3.95 -4.62
N PRO D 114 -9.68 -4.79 -3.64
CA PRO D 114 -9.09 -4.70 -2.30
C PRO D 114 -7.59 -4.94 -2.25
N ALA D 115 -7.13 -6.02 -2.87
CA ALA D 115 -5.72 -6.38 -2.87
C ALA D 115 -4.80 -5.40 -3.59
N LEU D 116 -5.36 -4.53 -4.42
CA LEU D 116 -4.55 -3.58 -5.18
C LEU D 116 -4.76 -2.13 -4.75
N ASN D 117 -5.76 -1.89 -3.91
CA ASN D 117 -6.09 -0.53 -3.46
C ASN D 117 -6.47 0.34 -4.64
N GLU D 118 -7.33 -0.19 -5.49
CA GLU D 118 -7.76 0.53 -6.66
C GLU D 118 -9.25 0.74 -6.62
N THR D 119 -9.68 2.00 -6.52
CA THR D 119 -11.10 2.29 -6.51
C THR D 119 -11.46 3.11 -7.75
N LEU D 120 -12.11 2.46 -8.72
CA LEU D 120 -12.50 3.14 -9.94
C LEU D 120 -13.98 3.44 -9.90
N TYR D 121 -14.38 4.63 -10.32
CA TYR D 121 -15.78 4.99 -10.24
C TYR D 121 -16.15 6.17 -11.12
N ALA D 122 -17.45 6.36 -11.28
CA ALA D 122 -17.93 7.46 -12.09
C ALA D 122 -19.38 7.72 -11.82
N GLU D 123 -19.79 8.97 -12.00
CA GLU D 123 -21.18 9.41 -11.82
C GLU D 123 -21.65 9.95 -13.17
N GLU D 124 -22.84 9.56 -13.59
CA GLU D 124 -23.36 10.05 -14.86
C GLU D 124 -23.16 11.57 -14.88
N GLY D 125 -22.53 12.05 -15.95
CA GLY D 125 -22.30 13.47 -16.08
C GLY D 125 -21.12 14.04 -15.30
N SER D 126 -20.45 13.21 -14.50
CA SER D 126 -19.32 13.70 -13.71
C SER D 126 -17.98 13.07 -14.07
N GLY D 127 -17.96 12.27 -15.12
CA GLY D 127 -16.72 11.64 -15.54
C GLY D 127 -16.27 10.50 -14.65
N ALA D 128 -15.15 9.88 -15.02
CA ALA D 128 -14.60 8.76 -14.27
C ALA D 128 -13.38 9.15 -13.44
N PHE D 129 -13.20 8.45 -12.33
CA PHE D 129 -12.08 8.69 -11.44
C PHE D 129 -11.37 7.40 -11.04
N PHE D 130 -10.21 7.58 -10.43
CA PHE D 130 -9.41 6.48 -9.94
C PHE D 130 -8.72 7.05 -8.72
N ASN D 131 -9.24 6.69 -7.55
CA ASN D 131 -8.74 7.17 -6.27
C ASN D 131 -8.62 8.69 -6.22
N GLY D 132 -9.59 9.38 -6.83
CA GLY D 132 -9.58 10.83 -6.82
C GLY D 132 -9.16 11.55 -8.09
N GLU D 133 -8.35 10.92 -8.93
CA GLU D 133 -7.93 11.57 -10.16
C GLU D 133 -8.80 11.15 -11.32
N ARG D 134 -8.90 12.00 -12.33
CA ARG D 134 -9.72 11.68 -13.50
C ARG D 134 -9.03 10.61 -14.33
N ILE D 135 -9.83 9.73 -14.92
CA ILE D 135 -9.27 8.71 -15.80
C ILE D 135 -10.02 8.84 -17.12
N ARG D 136 -9.36 8.45 -18.20
CA ARG D 136 -9.94 8.52 -19.53
C ARG D 136 -9.42 7.38 -20.39
N VAL D 137 -10.21 6.98 -21.37
CA VAL D 137 -9.80 5.91 -22.28
C VAL D 137 -8.53 6.30 -23.04
N SER D 138 -7.77 5.30 -23.46
CA SER D 138 -6.52 5.50 -24.19
C SER D 138 -6.72 6.27 -25.47
N GLU D 139 -5.62 6.59 -26.14
CA GLU D 139 -5.69 7.31 -27.39
C GLU D 139 -5.12 6.48 -28.55
N ASN D 140 -5.00 5.16 -28.34
CA ASN D 140 -4.48 4.27 -29.38
C ASN D 140 -5.48 4.08 -30.52
N ALA D 141 -5.11 4.54 -31.71
CA ALA D 141 -5.97 4.47 -32.89
C ALA D 141 -5.99 3.21 -33.73
N SER D 142 -4.93 2.40 -33.67
CA SER D 142 -4.89 1.17 -34.46
C SER D 142 -4.79 -0.07 -33.57
N LEU D 143 -5.36 -1.18 -34.02
CA LEU D 143 -5.31 -2.43 -33.26
C LEU D 143 -3.88 -2.89 -32.94
N GLU D 144 -2.97 -2.71 -33.90
CA GLU D 144 -1.59 -3.12 -33.72
C GLU D 144 -0.84 -2.36 -32.62
N GLU D 145 -1.48 -1.34 -32.05
CA GLU D 145 -0.87 -0.57 -30.98
C GLU D 145 -1.66 -0.80 -29.70
N CYS D 146 -2.65 -1.67 -29.76
CA CYS D 146 -3.50 -1.92 -28.60
C CYS D 146 -3.19 -3.15 -27.80
N VAL D 147 -3.55 -3.10 -26.52
CA VAL D 147 -3.43 -4.24 -25.63
C VAL D 147 -4.89 -4.55 -25.31
N GLY D 148 -5.39 -5.63 -25.88
CA GLY D 148 -6.77 -5.99 -25.64
C GLY D 148 -6.91 -7.02 -24.54
N SER D 149 -8.16 -7.32 -24.20
CA SER D 149 -8.42 -8.29 -23.14
C SER D 149 -9.75 -8.99 -23.31
N THR D 150 -9.86 -10.16 -22.71
CA THR D 150 -11.05 -10.98 -22.76
C THR D 150 -10.93 -11.90 -21.56
N GLY D 151 -11.95 -12.72 -21.34
CA GLY D 151 -11.90 -13.64 -20.22
C GLY D 151 -11.51 -15.02 -20.70
N SER D 152 -11.66 -15.99 -19.81
CA SER D 152 -11.34 -17.37 -20.14
C SER D 152 -12.67 -18.10 -20.38
N TYR D 153 -13.09 -18.17 -21.64
CA TYR D 153 -14.33 -18.84 -21.98
C TYR D 153 -14.04 -19.98 -22.95
N VAL D 154 -14.35 -21.20 -22.51
CA VAL D 154 -14.12 -22.37 -23.32
C VAL D 154 -14.70 -22.14 -24.73
N ASP D 155 -14.03 -22.68 -25.74
CA ASP D 155 -14.45 -22.57 -27.15
C ASP D 155 -14.37 -21.15 -27.71
N PHE D 156 -14.14 -20.17 -26.85
CA PHE D 156 -14.07 -18.79 -27.34
C PHE D 156 -12.69 -18.14 -27.20
N THR D 157 -12.13 -18.18 -26.00
CA THR D 157 -10.83 -17.59 -25.72
C THR D 157 -9.74 -18.04 -26.69
N GLY D 158 -9.63 -19.34 -26.90
CA GLY D 158 -8.63 -19.87 -27.80
C GLY D 158 -8.69 -19.20 -29.15
N LYS D 159 -9.83 -19.33 -29.82
CA LYS D 159 -10.05 -18.74 -31.13
C LYS D 159 -9.79 -17.24 -31.12
N PHE D 160 -10.26 -16.56 -30.08
CA PHE D 160 -10.08 -15.12 -29.97
C PHE D 160 -8.61 -14.77 -29.99
N ILE D 161 -7.83 -15.43 -29.14
CA ILE D 161 -6.40 -15.15 -29.10
C ILE D 161 -5.86 -15.44 -30.49
N GLU D 162 -6.29 -16.56 -31.05
CA GLU D 162 -5.84 -16.95 -32.38
C GLU D 162 -5.98 -15.83 -33.40
N ARG D 163 -7.21 -15.37 -33.58
CA ARG D 163 -7.49 -14.32 -34.56
C ARG D 163 -7.00 -12.95 -34.18
N MET D 164 -7.02 -12.65 -32.88
CA MET D 164 -6.60 -11.33 -32.41
C MET D 164 -5.09 -11.19 -32.33
N GLU D 165 -4.44 -12.27 -31.92
CA GLU D 165 -2.99 -12.29 -31.78
C GLU D 165 -2.19 -11.63 -32.90
N LYS D 166 -2.57 -11.86 -34.15
CA LYS D 166 -1.84 -11.31 -35.27
C LYS D 166 -2.33 -9.95 -35.78
N ARG D 167 -3.17 -9.30 -34.99
CA ARG D 167 -3.71 -8.01 -35.38
C ARG D 167 -3.48 -7.00 -34.28
N THR D 168 -3.25 -7.51 -33.07
CA THR D 168 -3.04 -6.64 -31.92
C THR D 168 -1.68 -6.80 -31.26
N ARG D 169 -1.28 -5.76 -30.53
CA ARG D 169 0.01 -5.74 -29.84
C ARG D 169 0.16 -6.80 -28.77
N ARG D 170 -0.89 -6.99 -27.97
CA ARG D 170 -0.81 -7.98 -26.90
C ARG D 170 -2.19 -8.13 -26.28
N ILE D 171 -2.53 -9.34 -25.87
CA ILE D 171 -3.83 -9.60 -25.26
C ILE D 171 -3.62 -10.10 -23.84
N ARG D 172 -4.53 -9.74 -22.93
CA ARG D 172 -4.40 -10.15 -21.54
C ARG D 172 -5.63 -10.87 -21.05
N ILE D 173 -5.46 -11.74 -20.07
CA ILE D 173 -6.56 -12.46 -19.46
C ILE D 173 -6.30 -12.39 -17.97
N LEU D 174 -6.82 -11.36 -17.34
CA LEU D 174 -6.61 -11.14 -15.92
C LEU D 174 -7.57 -11.87 -14.99
N GLY D 175 -8.83 -11.98 -15.38
CA GLY D 175 -9.77 -12.71 -14.53
C GLY D 175 -10.82 -11.98 -13.69
N SER D 176 -11.10 -10.71 -13.99
CA SER D 176 -12.13 -9.98 -13.25
C SER D 176 -12.83 -9.03 -14.20
N ALA D 177 -13.98 -9.46 -14.71
CA ALA D 177 -14.78 -8.69 -15.66
C ALA D 177 -14.95 -7.22 -15.33
N ALA D 178 -15.34 -6.93 -14.08
CA ALA D 178 -15.55 -5.54 -13.65
C ALA D 178 -14.25 -4.76 -13.54
N LEU D 179 -13.24 -5.37 -12.94
CA LEU D 179 -11.94 -4.70 -12.81
C LEU D 179 -11.41 -4.44 -14.22
N ASN D 180 -11.57 -5.45 -15.05
CA ASN D 180 -11.10 -5.41 -16.42
C ASN D 180 -11.81 -4.38 -17.29
N ALA D 181 -13.12 -4.22 -17.09
CA ALA D 181 -13.88 -3.26 -17.85
C ALA D 181 -13.50 -1.85 -17.37
N ALA D 182 -13.31 -1.72 -16.06
CA ALA D 182 -12.93 -0.46 -15.45
C ALA D 182 -11.57 -0.02 -16.00
N TYR D 183 -10.66 -0.99 -16.15
CA TYR D 183 -9.33 -0.71 -16.69
C TYR D 183 -9.37 -0.09 -18.08
N VAL D 184 -10.49 -0.24 -18.79
CA VAL D 184 -10.62 0.35 -20.12
C VAL D 184 -10.94 1.83 -19.96
N GLY D 185 -11.66 2.16 -18.89
CA GLY D 185 -11.99 3.54 -18.64
C GLY D 185 -10.78 4.23 -18.04
N ALA D 186 -9.87 3.44 -17.46
CA ALA D 186 -8.68 4.00 -16.85
C ALA D 186 -7.58 4.13 -17.90
N GLY D 187 -7.77 3.48 -19.03
CA GLY D 187 -6.80 3.55 -20.10
C GLY D 187 -5.65 2.57 -19.99
N ARG D 188 -5.81 1.53 -19.17
CA ARG D 188 -4.76 0.53 -19.00
C ARG D 188 -4.86 -0.49 -20.13
N VAL D 189 -6.09 -0.78 -20.55
CA VAL D 189 -6.33 -1.67 -21.68
C VAL D 189 -7.15 -0.85 -22.68
N ASP D 190 -6.92 -1.09 -23.97
CA ASP D 190 -7.60 -0.36 -25.02
C ASP D 190 -8.99 -0.93 -25.35
N PHE D 191 -9.21 -2.18 -24.97
CA PHE D 191 -10.52 -2.81 -25.18
C PHE D 191 -10.62 -4.10 -24.36
N PHE D 192 -11.86 -4.50 -24.09
CA PHE D 192 -12.17 -5.70 -23.32
C PHE D 192 -13.40 -6.41 -23.94
N VAL D 193 -13.31 -7.74 -24.06
CA VAL D 193 -14.38 -8.53 -24.66
C VAL D 193 -14.91 -9.63 -23.73
N THR D 194 -16.19 -9.55 -23.34
CA THR D 194 -16.78 -10.58 -22.48
C THR D 194 -17.70 -11.45 -23.30
N TRP D 195 -17.86 -12.69 -22.86
CA TRP D 195 -18.70 -13.64 -23.57
C TRP D 195 -19.76 -14.25 -22.67
N ARG D 196 -21.01 -13.88 -22.93
CA ARG D 196 -22.15 -14.41 -22.18
C ARG D 196 -22.03 -14.33 -20.67
N ILE D 197 -22.16 -13.11 -20.18
CA ILE D 197 -22.11 -12.79 -18.76
C ILE D 197 -23.31 -11.88 -18.51
N ASN D 198 -23.93 -11.97 -17.33
CA ASN D 198 -25.09 -11.13 -17.05
C ASN D 198 -24.76 -9.64 -16.92
N PRO D 199 -25.46 -8.79 -17.69
CA PRO D 199 -25.29 -7.34 -17.71
C PRO D 199 -25.10 -6.71 -16.33
N TRP D 200 -25.86 -7.20 -15.36
CA TRP D 200 -25.82 -6.72 -13.99
C TRP D 200 -24.41 -6.73 -13.42
N ASP D 201 -23.68 -7.81 -13.66
CA ASP D 201 -22.32 -7.95 -13.15
C ASP D 201 -21.32 -7.04 -13.85
N ILE D 202 -21.80 -6.29 -14.83
CA ILE D 202 -20.94 -5.41 -15.59
C ILE D 202 -21.46 -3.96 -15.67
N ALA D 203 -22.55 -3.68 -14.98
CA ALA D 203 -23.17 -2.34 -14.96
C ALA D 203 -22.26 -1.23 -14.41
N ALA D 204 -21.51 -1.54 -13.35
CA ALA D 204 -20.60 -0.56 -12.76
C ALA D 204 -19.50 -0.24 -13.77
N GLY D 205 -19.01 -1.27 -14.46
CA GLY D 205 -17.97 -1.04 -15.44
C GLY D 205 -18.43 -0.18 -16.60
N LEU D 206 -19.65 -0.45 -17.06
CA LEU D 206 -20.24 0.27 -18.17
C LEU D 206 -20.26 1.80 -17.99
N ILE D 207 -20.67 2.26 -16.82
CA ILE D 207 -20.71 3.70 -16.55
C ILE D 207 -19.30 4.27 -16.43
N ILE D 208 -18.35 3.46 -15.97
CA ILE D 208 -16.99 3.94 -15.83
C ILE D 208 -16.36 4.14 -17.20
N VAL D 209 -16.52 3.16 -18.07
CA VAL D 209 -15.95 3.25 -19.41
C VAL D 209 -16.56 4.42 -20.17
N LYS D 210 -17.88 4.56 -20.08
CA LYS D 210 -18.56 5.64 -20.78
C LYS D 210 -18.22 7.03 -20.25
N GLU D 211 -18.15 7.18 -18.94
CA GLU D 211 -17.81 8.50 -18.39
C GLU D 211 -16.37 8.83 -18.69
N ALA D 212 -15.58 7.80 -19.01
CA ALA D 212 -14.17 7.98 -19.33
C ALA D 212 -14.00 8.35 -20.81
N GLY D 213 -15.11 8.35 -21.54
CA GLY D 213 -15.06 8.68 -22.95
C GLY D 213 -14.89 7.47 -23.85
N GLY D 214 -15.12 6.28 -23.28
CA GLY D 214 -14.98 5.04 -24.03
C GLY D 214 -16.24 4.63 -24.75
N MET D 215 -16.25 3.42 -25.28
CA MET D 215 -17.40 2.92 -26.02
C MET D 215 -17.75 1.49 -25.57
N VAL D 216 -19.03 1.23 -25.33
CA VAL D 216 -19.47 -0.10 -24.90
C VAL D 216 -20.70 -0.55 -25.67
N THR D 217 -20.52 -1.55 -26.51
CA THR D 217 -21.63 -2.06 -27.32
C THR D 217 -21.69 -3.58 -27.22
N ASP D 218 -22.76 -4.16 -27.74
CA ASP D 218 -22.88 -5.61 -27.73
C ASP D 218 -22.06 -6.08 -28.93
N PHE D 219 -21.88 -7.39 -29.10
CA PHE D 219 -21.08 -7.91 -30.20
C PHE D 219 -21.50 -7.46 -31.60
N SER D 220 -22.69 -6.87 -31.70
CA SER D 220 -23.21 -6.40 -32.98
C SER D 220 -22.76 -4.97 -33.28
N GLY D 221 -22.49 -4.21 -32.22
CA GLY D 221 -22.03 -2.85 -32.40
C GLY D 221 -23.03 -1.80 -31.99
N LYS D 222 -24.16 -2.23 -31.44
CA LYS D 222 -25.18 -1.28 -31.00
C LYS D 222 -25.06 -1.06 -29.51
N GLU D 223 -25.52 0.11 -29.06
CA GLU D 223 -25.46 0.43 -27.64
C GLU D 223 -25.77 -0.79 -26.81
N ALA D 224 -25.00 -0.95 -25.74
CA ALA D 224 -25.16 -2.06 -24.82
C ALA D 224 -26.28 -1.76 -23.83
N ASN D 225 -27.21 -2.70 -23.71
CA ASN D 225 -28.32 -2.58 -22.78
C ASN D 225 -28.68 -3.96 -22.24
N ALA D 226 -29.63 -3.99 -21.31
CA ALA D 226 -30.07 -5.24 -20.68
C ALA D 226 -30.36 -6.42 -21.63
N PHE D 227 -30.60 -6.15 -22.91
CA PHE D 227 -30.89 -7.22 -23.87
C PHE D 227 -29.61 -7.83 -24.46
N SER D 228 -28.47 -7.32 -24.01
CA SER D 228 -27.16 -7.80 -24.47
C SER D 228 -26.69 -9.02 -23.67
N LYS D 229 -25.85 -9.84 -24.30
CA LYS D 229 -25.32 -11.04 -23.68
C LYS D 229 -23.80 -11.04 -23.71
N ASN D 230 -23.27 -10.44 -24.77
CA ASN D 230 -21.84 -10.34 -25.01
C ASN D 230 -21.48 -8.87 -25.17
N PHE D 231 -20.35 -8.46 -24.60
CA PHE D 231 -19.96 -7.07 -24.65
C PHE D 231 -18.56 -6.76 -25.17
N ILE D 232 -18.37 -5.50 -25.52
CA ILE D 232 -17.10 -5.01 -25.99
C ILE D 232 -16.91 -3.61 -25.42
N PHE D 233 -15.87 -3.46 -24.58
CA PHE D 233 -15.54 -2.18 -23.95
C PHE D 233 -14.29 -1.69 -24.67
N SER D 234 -14.30 -0.44 -25.15
CA SER D 234 -13.14 0.12 -25.87
C SER D 234 -13.01 1.64 -25.74
N ASN D 235 -11.91 2.19 -26.22
CA ASN D 235 -11.69 3.62 -26.14
C ASN D 235 -12.51 4.36 -27.19
N GLY D 236 -13.15 3.60 -28.06
CA GLY D 236 -13.95 4.22 -29.11
C GLY D 236 -13.16 4.60 -30.35
N LEU D 237 -11.88 4.24 -30.41
CA LEU D 237 -11.03 4.56 -31.55
C LEU D 237 -10.83 3.34 -32.43
N ILE D 238 -11.03 2.16 -31.87
CA ILE D 238 -10.86 0.93 -32.64
C ILE D 238 -11.99 -0.05 -32.37
N HIS D 239 -13.14 0.48 -31.96
CA HIS D 239 -14.28 -0.36 -31.64
C HIS D 239 -14.70 -1.23 -32.80
N ASP D 240 -14.81 -0.62 -33.97
CA ASP D 240 -15.21 -1.34 -35.17
C ASP D 240 -14.23 -2.45 -35.54
N GLU D 241 -12.94 -2.16 -35.47
CA GLU D 241 -11.95 -3.18 -35.82
C GLU D 241 -12.16 -4.39 -34.93
N VAL D 242 -12.50 -4.14 -33.67
CA VAL D 242 -12.72 -5.22 -32.69
C VAL D 242 -14.00 -5.99 -33.01
N VAL D 243 -15.10 -5.26 -33.20
CA VAL D 243 -16.37 -5.90 -33.52
C VAL D 243 -16.17 -6.81 -34.75
N LYS D 244 -15.41 -6.32 -35.72
CA LYS D 244 -15.13 -7.08 -36.92
C LYS D 244 -14.40 -8.39 -36.62
N VAL D 245 -13.34 -8.30 -35.81
CA VAL D 245 -12.54 -9.46 -35.43
C VAL D 245 -13.30 -10.43 -34.52
N VAL D 246 -14.10 -9.89 -33.61
CA VAL D 246 -14.87 -10.71 -32.69
C VAL D 246 -15.89 -11.53 -33.48
N ASN D 247 -16.52 -10.91 -34.45
CA ASN D 247 -17.53 -11.59 -35.25
C ASN D 247 -16.95 -12.73 -36.08
N GLU D 248 -15.66 -12.65 -36.40
CA GLU D 248 -15.01 -13.69 -37.16
C GLU D 248 -14.85 -14.91 -36.26
N VAL D 249 -14.57 -14.65 -34.99
CA VAL D 249 -14.41 -15.70 -33.99
C VAL D 249 -15.77 -16.37 -33.85
N VAL D 250 -16.78 -15.56 -33.60
CA VAL D 250 -18.14 -16.05 -33.45
C VAL D 250 -18.51 -17.00 -34.58
N GLU D 251 -17.99 -16.72 -35.77
CA GLU D 251 -18.25 -17.55 -36.95
C GLU D 251 -17.53 -18.89 -36.84
N GLU D 252 -16.28 -18.84 -36.41
CA GLU D 252 -15.47 -20.04 -36.25
C GLU D 252 -16.12 -21.00 -35.25
N ILE D 253 -16.78 -20.44 -34.24
CA ILE D 253 -17.46 -21.24 -33.22
C ILE D 253 -18.58 -22.04 -33.85
N GLY D 254 -19.65 -21.34 -34.23
CA GLY D 254 -20.79 -22.00 -34.86
C GLY D 254 -21.27 -21.24 -36.08
O1 SRT E . 3.02 4.84 25.46
O11 SRT E . 1.53 3.23 26.25
C1 SRT E . 1.81 4.35 25.79
C2 SRT E . 0.73 5.40 25.50
O2 SRT E . -0.46 4.78 25.91
C3 SRT E . 0.71 5.74 23.96
O3 SRT E . 1.99 6.28 23.45
C4 SRT E . -0.38 6.79 23.75
O4 SRT E . -1.56 6.21 23.67
O41 SRT E . -0.18 7.97 23.67
O1 SRT F . 8.59 22.04 9.92
O11 SRT F . 9.00 20.08 8.71
C1 SRT F . 8.83 20.71 9.77
C2 SRT F . 8.90 20.02 11.15
O2 SRT F . 9.15 18.67 10.86
C3 SRT F . 7.53 20.21 11.95
O3 SRT F . 7.18 21.63 12.20
C4 SRT F . 7.70 19.50 13.29
O4 SRT F . 8.48 20.18 14.07
O41 SRT F . 7.19 18.47 13.60
O1 SRT G . -11.82 -16.67 -15.67
O11 SRT G . -11.90 -14.83 -17.10
C1 SRT G . -12.34 -15.54 -16.17
C2 SRT G . -13.63 -15.18 -15.43
O2 SRT G . -14.04 -14.00 -16.08
C3 SRT G . -13.30 -14.94 -13.89
O3 SRT G . -12.70 -16.11 -13.22
C4 SRT G . -14.60 -14.57 -13.19
O4 SRT G . -14.84 -13.29 -13.28
O41 SRT G . -15.30 -15.35 -12.57
O1 SRT H . 5.74 -7.28 -22.42
O11 SRT H . 7.67 -8.09 -21.39
C1 SRT H . 6.49 -8.19 -21.77
C2 SRT H . 5.67 -9.46 -21.50
O2 SRT H . 6.58 -10.29 -20.80
C3 SRT H . 5.18 -10.11 -22.87
O3 SRT H . 4.34 -9.19 -23.68
C4 SRT H . 4.37 -11.36 -22.50
O4 SRT H . 5.17 -12.34 -22.24
O41 SRT H . 3.17 -11.44 -22.48
#